data_7ZKW
#
_entry.id   7ZKW
#
_cell.length_a   283.372
_cell.length_b   64.065
_cell.length_c   55.443
_cell.angle_alpha   90.000
_cell.angle_beta   99.946
_cell.angle_gamma   90.000
#
_symmetry.space_group_name_H-M   'C 1 2 1'
#
loop_
_entity.id
_entity.type
_entity.pdbx_description
1 polymer 'Cystinosin homolog'
2 polymer sybody
3 non-polymer L-cystine
#
loop_
_entity_poly.entity_id
_entity_poly.type
_entity_poly.pdbx_seq_one_letter_code
_entity_poly.pdbx_strand_id
1 'polypeptide(L)'
;MASWNSIPLEISYEIVGWIAFASWSISFYPQLILNFRRRSVVGLNFDFVMLNLTKHSSYMIYNVCLYFSPVIQKQYFDTY
GDKEMIPVAANDVAFSIHAVVMTAVTLFQIFIYERGPQKVSRLAIGIVVVVWGFAAICFFIALPTHSWLWLISIFNSIQV
FMTCVKYIPQAKMNFTRKSTVGWSIGNILLDFTGGLANYLQMVIQSIDQNSWKNFYGNMGKTLLSLISIFFDILFMFQHY
VLYPEKKVSKSPETGEESNEPLIDSSHEHVGENLYFQ
;
A,B
2 'polypeptide(L)'
;QVQLVESGGGLVQAGGSLRLSCAASGFPVYRNRMHWYRQAPGKEREWVAAIESAGQETHYADSVKGRFTISRDNAKNTVY
LQMNSLKPEDTAVYYCNVKDEGWYWQTYDYWGQGTQVTVSA
;
C,D
#
# COMPACT_ATOMS: atom_id res chain seq x y z
N SER A 3 -35.65 27.51 3.38
CA SER A 3 -36.05 27.90 1.99
C SER A 3 -36.36 26.74 1.03
N TRP A 4 -37.21 25.74 1.35
CA TRP A 4 -37.54 24.74 0.32
C TRP A 4 -38.54 25.40 -0.63
N ASN A 5 -38.37 25.12 -1.95
CA ASN A 5 -39.26 25.59 -3.00
C ASN A 5 -40.32 24.52 -3.27
N SER A 6 -39.87 23.29 -3.46
CA SER A 6 -40.73 22.14 -3.79
C SER A 6 -41.00 21.30 -2.53
N ILE A 7 -42.29 21.04 -2.23
CA ILE A 7 -42.68 20.21 -1.08
C ILE A 7 -42.36 18.76 -1.42
N PRO A 8 -42.78 18.20 -2.59
CA PRO A 8 -42.40 16.83 -2.94
C PRO A 8 -40.87 16.60 -2.79
N LEU A 9 -40.05 17.54 -3.32
CA LEU A 9 -38.60 17.38 -3.22
C LEU A 9 -38.18 17.38 -1.76
N GLU A 10 -38.63 18.36 -0.97
CA GLU A 10 -38.31 18.41 0.47
C GLU A 10 -38.66 17.08 1.16
N ILE A 11 -39.80 16.46 0.78
CA ILE A 11 -40.24 15.17 1.34
C ILE A 11 -39.21 14.12 0.92
N SER A 12 -38.93 14.02 -0.39
CA SER A 12 -37.98 13.05 -0.95
C SER A 12 -36.62 13.13 -0.27
N TYR A 13 -36.16 14.37 -0.05
CA TYR A 13 -34.90 14.72 0.63
C TYR A 13 -34.94 14.18 2.06
N GLU A 14 -36.09 14.37 2.74
CA GLU A 14 -36.28 13.87 4.10
C GLU A 14 -36.29 12.34 4.10
N ILE A 15 -37.06 11.68 3.22
CA ILE A 15 -37.19 10.22 3.17
C ILE A 15 -35.83 9.60 2.87
N VAL A 16 -35.14 9.99 1.77
CA VAL A 16 -33.85 9.33 1.48
C VAL A 16 -32.83 9.65 2.60
N GLY A 17 -32.96 10.83 3.23
CA GLY A 17 -32.12 11.21 4.37
C GLY A 17 -32.34 10.26 5.54
N TRP A 18 -33.61 9.88 5.81
CA TRP A 18 -33.91 8.98 6.92
C TRP A 18 -33.53 7.56 6.50
N ILE A 19 -33.55 7.25 5.19
CA ILE A 19 -33.10 5.92 4.73
C ILE A 19 -31.58 5.77 4.96
N ALA A 20 -30.82 6.83 4.67
CA ALA A 20 -29.37 6.87 4.88
C ALA A 20 -29.05 6.62 6.35
N PHE A 21 -29.84 7.20 7.26
CA PHE A 21 -29.68 6.98 8.70
C PHE A 21 -30.06 5.53 9.08
N ALA A 22 -31.04 4.93 8.38
CA ALA A 22 -31.52 3.58 8.66
C ALA A 22 -30.49 2.55 8.21
N SER A 23 -30.09 2.61 6.93
CA SER A 23 -29.20 1.60 6.32
C SER A 23 -27.80 1.71 6.90
N TRP A 24 -27.41 2.85 7.47
CA TRP A 24 -26.07 2.98 8.05
C TRP A 24 -26.08 2.68 9.55
N SER A 25 -26.99 3.28 10.33
CA SER A 25 -26.98 3.15 11.79
C SER A 25 -27.41 1.76 12.25
N ILE A 26 -28.15 1.03 11.42
CA ILE A 26 -28.64 -0.32 11.73
C ILE A 26 -27.49 -1.32 11.82
N SER A 27 -26.41 -1.13 11.02
CA SER A 27 -25.32 -2.10 10.94
C SER A 27 -24.38 -2.01 12.15
N PHE A 28 -24.62 -1.10 13.11
CA PHE A 28 -23.82 -1.03 14.33
C PHE A 28 -24.24 -2.14 15.30
N TYR A 29 -25.52 -2.53 15.29
CA TYR A 29 -26.15 -3.46 16.25
C TYR A 29 -25.65 -4.94 16.17
N PRO A 30 -25.54 -5.62 14.99
CA PRO A 30 -25.05 -7.00 14.97
C PRO A 30 -23.81 -7.28 15.82
N GLN A 31 -22.84 -6.36 15.89
CA GLN A 31 -21.61 -6.59 16.68
C GLN A 31 -21.96 -6.48 18.18
N LEU A 32 -22.73 -5.45 18.53
CA LEU A 32 -23.11 -5.20 19.92
C LEU A 32 -23.89 -6.41 20.45
N ILE A 33 -24.83 -6.96 19.64
CA ILE A 33 -25.63 -8.12 20.04
C ILE A 33 -24.67 -9.30 20.27
N LEU A 34 -23.75 -9.51 19.30
CA LEU A 34 -22.80 -10.61 19.36
C LEU A 34 -21.99 -10.53 20.67
N ASN A 35 -21.46 -9.34 20.99
CA ASN A 35 -20.55 -9.16 22.12
C ASN A 35 -21.31 -9.37 23.44
N PHE A 36 -22.57 -8.93 23.52
CA PHE A 36 -23.31 -9.18 24.76
C PHE A 36 -23.50 -10.71 24.88
N ARG A 37 -24.15 -11.29 23.85
CA ARG A 37 -24.42 -12.74 23.88
C ARG A 37 -23.16 -13.43 24.44
N ARG A 38 -21.98 -13.07 23.93
CA ARG A 38 -20.79 -13.88 24.25
C ARG A 38 -20.00 -13.25 25.41
N ARG A 39 -20.32 -12.04 25.87
CA ARG A 39 -19.64 -11.48 27.05
C ARG A 39 -18.13 -11.48 26.75
N SER A 40 -17.75 -11.37 25.46
CA SER A 40 -16.34 -11.29 25.02
C SER A 40 -16.22 -10.48 23.71
N VAL A 41 -15.06 -9.85 23.52
CA VAL A 41 -14.73 -9.06 22.33
C VAL A 41 -13.38 -9.56 21.77
N VAL A 42 -13.05 -10.84 21.98
CA VAL A 42 -11.87 -11.47 21.35
C VAL A 42 -12.24 -11.74 19.89
N GLY A 43 -11.89 -10.77 19.02
CA GLY A 43 -12.07 -10.89 17.57
C GLY A 43 -12.23 -9.53 16.95
N LEU A 44 -12.92 -8.65 17.67
CA LEU A 44 -13.03 -7.23 17.30
C LEU A 44 -11.66 -6.57 17.13
N ASN A 45 -11.54 -5.69 16.13
CA ASN A 45 -10.32 -4.93 15.97
C ASN A 45 -10.40 -3.68 16.84
N PHE A 46 -9.68 -3.70 17.97
CA PHE A 46 -9.79 -2.63 18.96
C PHE A 46 -9.33 -1.31 18.33
N ASP A 47 -8.23 -1.29 17.54
CA ASP A 47 -7.73 -0.12 16.79
C ASP A 47 -8.88 0.46 15.96
N PHE A 48 -9.56 -0.37 15.15
CA PHE A 48 -10.67 0.08 14.32
C PHE A 48 -11.71 0.79 15.16
N VAL A 49 -12.24 0.18 16.24
CA VAL A 49 -13.26 0.83 17.08
C VAL A 49 -12.74 2.20 17.57
N MET A 50 -11.48 2.26 18.03
CA MET A 50 -10.89 3.52 18.51
C MET A 50 -10.89 4.56 17.38
N LEU A 51 -10.41 4.18 16.19
CA LEU A 51 -10.29 5.15 15.07
C LEU A 51 -11.70 5.52 14.56
N ASN A 52 -12.66 4.60 14.67
CA ASN A 52 -14.04 4.88 14.23
C ASN A 52 -14.75 5.80 15.24
N LEU A 53 -14.23 5.92 16.47
CA LEU A 53 -14.77 6.89 17.43
C LEU A 53 -14.29 8.27 17.03
N THR A 54 -13.00 8.38 16.71
CA THR A 54 -12.38 9.63 16.23
C THR A 54 -13.12 10.15 15.00
N LYS A 55 -13.34 9.25 14.02
CA LYS A 55 -14.05 9.58 12.78
C LYS A 55 -15.44 10.11 13.15
N HIS A 56 -16.17 9.36 13.98
CA HIS A 56 -17.56 9.68 14.30
C HIS A 56 -17.67 10.96 15.15
N SER A 57 -16.60 11.35 15.86
CA SER A 57 -16.56 12.56 16.69
C SER A 57 -16.29 13.82 15.84
N SER A 58 -15.35 13.71 14.87
CA SER A 58 -15.04 14.80 13.92
C SER A 58 -16.31 15.13 13.15
N TYR A 59 -16.96 14.07 12.64
CA TYR A 59 -18.17 14.25 11.85
C TYR A 59 -19.25 14.86 12.74
N MET A 60 -19.35 14.37 13.99
CA MET A 60 -20.39 14.84 14.92
C MET A 60 -20.22 16.34 15.23
N ILE A 61 -18.97 16.79 15.49
CA ILE A 61 -18.66 18.21 15.76
C ILE A 61 -19.14 19.07 14.59
N TYR A 62 -18.80 18.68 13.36
CA TYR A 62 -19.20 19.40 12.16
C TYR A 62 -20.73 19.48 12.04
N ASN A 63 -21.43 18.34 12.08
CA ASN A 63 -22.90 18.30 11.91
C ASN A 63 -23.67 18.98 13.05
N VAL A 64 -23.26 18.81 14.30
CA VAL A 64 -24.01 19.35 15.42
C VAL A 64 -23.78 20.86 15.43
N CYS A 65 -22.52 21.32 15.21
CA CYS A 65 -22.19 22.75 15.26
C CYS A 65 -22.87 23.52 14.12
N LEU A 66 -22.85 22.96 12.89
CA LEU A 66 -23.44 23.65 11.74
C LEU A 66 -24.98 23.60 11.84
N TYR A 67 -25.57 22.56 12.45
CA TYR A 67 -27.02 22.45 12.54
C TYR A 67 -27.58 23.27 13.70
N PHE A 68 -26.80 23.52 14.75
CA PHE A 68 -27.36 24.22 15.93
C PHE A 68 -26.75 25.59 16.25
N SER A 69 -25.65 26.00 15.58
CA SER A 69 -25.05 27.33 15.83
C SER A 69 -25.46 28.36 14.77
N PRO A 70 -26.20 29.43 15.20
CA PRO A 70 -26.52 30.51 14.29
C PRO A 70 -25.22 31.25 13.94
N VAL A 71 -24.29 31.36 14.91
CA VAL A 71 -22.99 32.02 14.68
C VAL A 71 -22.23 31.27 13.56
N ILE A 72 -22.23 29.92 13.60
CA ILE A 72 -21.56 29.15 12.54
C ILE A 72 -22.35 29.23 11.23
N GLN A 73 -23.69 29.13 11.29
CA GLN A 73 -24.52 29.30 10.09
C GLN A 73 -24.25 30.68 9.44
N LYS A 74 -24.11 31.75 10.25
CA LYS A 74 -23.82 33.09 9.70
C LYS A 74 -22.50 33.03 8.90
N GLN A 75 -21.49 32.33 9.43
CA GLN A 75 -20.23 32.13 8.71
C GLN A 75 -20.45 31.29 7.44
N TYR A 76 -21.42 30.37 7.44
CA TYR A 76 -21.74 29.55 6.26
C TYR A 76 -22.36 30.44 5.17
N PHE A 77 -23.18 31.42 5.57
CA PHE A 77 -23.83 32.33 4.62
C PHE A 77 -22.84 33.39 4.10
N ASP A 78 -21.83 33.74 4.89
CA ASP A 78 -20.82 34.73 4.50
C ASP A 78 -19.90 34.09 3.44
N THR A 79 -19.36 32.90 3.73
CA THR A 79 -18.41 32.13 2.92
C THR A 79 -19.06 31.61 1.61
N TYR A 80 -20.21 30.90 1.70
CA TYR A 80 -20.75 30.16 0.55
C TYR A 80 -21.93 30.89 -0.11
N GLY A 81 -22.57 31.86 0.56
CA GLY A 81 -23.67 32.57 -0.08
C GLY A 81 -24.90 32.73 0.81
N ASP A 82 -25.60 33.85 0.54
CA ASP A 82 -26.68 34.39 1.35
C ASP A 82 -27.93 33.48 1.29
N LYS A 83 -28.25 33.05 0.05
CA LYS A 83 -29.44 32.24 -0.21
C LYS A 83 -29.17 30.72 -0.17
N GLU A 84 -28.04 30.32 0.49
CA GLU A 84 -27.58 28.93 0.51
C GLU A 84 -28.30 28.17 1.63
N MET A 85 -28.68 26.93 1.31
CA MET A 85 -29.31 26.05 2.29
C MET A 85 -28.17 25.36 3.03
N ILE A 86 -28.31 25.24 4.35
CA ILE A 86 -27.28 24.57 5.16
C ILE A 86 -27.25 23.10 4.71
N PRO A 87 -26.06 22.58 4.31
CA PRO A 87 -25.98 21.22 3.76
C PRO A 87 -25.99 20.09 4.80
N VAL A 88 -26.38 20.39 6.04
CA VAL A 88 -26.50 19.39 7.13
C VAL A 88 -27.97 19.15 7.42
N ALA A 89 -28.39 17.87 7.39
CA ALA A 89 -29.77 17.49 7.66
C ALA A 89 -29.95 16.95 9.09
N ALA A 90 -31.21 16.84 9.57
CA ALA A 90 -31.53 16.30 10.91
C ALA A 90 -30.95 14.87 11.03
N ASN A 91 -31.05 14.09 9.94
CA ASN A 91 -30.59 12.70 9.96
C ASN A 91 -29.05 12.63 9.99
N ASP A 92 -28.34 13.63 9.42
CA ASP A 92 -26.88 13.70 9.51
C ASP A 92 -26.46 13.83 10.99
N VAL A 93 -27.18 14.69 11.73
CA VAL A 93 -26.94 14.96 13.15
C VAL A 93 -27.31 13.70 13.94
N ALA A 94 -28.46 13.09 13.56
CA ALA A 94 -28.96 11.88 14.23
C ALA A 94 -27.98 10.71 14.08
N PHE A 95 -27.47 10.49 12.85
CA PHE A 95 -26.48 9.46 12.57
C PHE A 95 -25.25 9.72 13.43
N SER A 96 -24.69 10.93 13.35
CA SER A 96 -23.46 11.26 14.09
C SER A 96 -23.67 10.98 15.58
N ILE A 97 -24.77 11.47 16.19
CA ILE A 97 -24.98 11.26 17.64
C ILE A 97 -25.17 9.77 17.95
N HIS A 98 -25.93 9.03 17.12
CA HIS A 98 -26.18 7.59 17.31
C HIS A 98 -24.91 6.75 17.09
N ALA A 99 -24.02 7.12 16.14
CA ALA A 99 -22.76 6.42 15.84
C ALA A 99 -21.78 6.62 16.99
N VAL A 100 -21.68 7.85 17.51
CA VAL A 100 -20.76 8.11 18.62
C VAL A 100 -21.26 7.30 19.82
N VAL A 101 -22.58 7.26 20.04
CA VAL A 101 -23.19 6.52 21.17
C VAL A 101 -22.88 5.01 21.00
N MET A 102 -23.06 4.45 19.80
CA MET A 102 -22.84 3.02 19.57
C MET A 102 -21.33 2.70 19.61
N THR A 103 -20.47 3.67 19.30
CA THR A 103 -19.02 3.42 19.34
C THR A 103 -18.56 3.41 20.80
N ALA A 104 -19.16 4.25 21.66
CA ALA A 104 -18.79 4.36 23.08
C ALA A 104 -19.34 3.14 23.84
N VAL A 105 -20.50 2.61 23.40
CA VAL A 105 -21.05 1.36 23.95
C VAL A 105 -20.15 0.14 23.61
N THR A 106 -19.64 0.07 22.39
CA THR A 106 -18.69 -0.99 22.03
C THR A 106 -17.39 -0.81 22.82
N LEU A 107 -17.00 0.42 23.14
CA LEU A 107 -15.82 0.62 23.98
C LEU A 107 -16.10 0.14 25.43
N PHE A 108 -17.36 0.27 25.85
CA PHE A 108 -17.82 -0.17 27.17
C PHE A 108 -17.67 -1.69 27.16
N GLN A 109 -18.18 -2.34 26.09
CA GLN A 109 -18.11 -3.81 25.92
C GLN A 109 -16.66 -4.28 25.86
N ILE A 110 -15.77 -3.50 25.25
CA ILE A 110 -14.38 -3.92 25.20
C ILE A 110 -13.79 -3.88 26.61
N PHE A 111 -14.04 -2.87 27.45
CA PHE A 111 -13.48 -2.87 28.81
C PHE A 111 -14.14 -3.99 29.65
N ILE A 112 -15.47 -4.03 29.63
CA ILE A 112 -16.26 -4.86 30.54
C ILE A 112 -16.23 -6.36 30.18
N TYR A 113 -16.11 -6.70 28.89
CA TYR A 113 -16.01 -8.10 28.47
C TYR A 113 -14.56 -8.45 28.11
N GLU A 114 -13.93 -7.68 27.20
CA GLU A 114 -12.50 -7.73 26.80
C GLU A 114 -12.08 -9.19 26.56
N ARG A 115 -11.01 -9.51 27.23
CA ARG A 115 -10.27 -10.71 27.04
C ARG A 115 -9.55 -10.71 25.68
N GLY A 116 -8.74 -11.75 25.79
CA GLY A 116 -7.85 -12.31 24.83
C GLY A 116 -6.57 -11.51 24.87
N PRO A 117 -5.81 -11.69 23.79
CA PRO A 117 -4.55 -11.01 23.57
C PRO A 117 -4.80 -9.77 22.71
N GLN A 118 -5.89 -9.02 22.90
CA GLN A 118 -6.07 -7.83 22.09
C GLN A 118 -6.12 -6.62 22.99
N LYS A 119 -5.29 -5.65 22.70
CA LYS A 119 -5.32 -4.35 23.38
C LYS A 119 -5.17 -3.28 22.31
N VAL A 120 -4.81 -3.78 21.11
CA VAL A 120 -4.16 -3.02 20.03
C VAL A 120 -4.34 -1.52 20.27
N SER A 121 -3.28 -0.82 19.91
CA SER A 121 -3.09 0.52 20.40
C SER A 121 -1.67 0.95 20.07
N ARG A 122 -1.00 0.40 19.04
CA ARG A 122 0.28 1.02 18.64
C ARG A 122 0.10 2.00 17.48
N LEU A 123 0.42 1.63 16.24
CA LEU A 123 0.33 2.60 15.15
C LEU A 123 -1.02 3.29 15.22
N ALA A 124 -2.08 2.55 15.58
CA ALA A 124 -3.43 3.10 15.72
C ALA A 124 -3.47 4.22 16.77
N ILE A 125 -3.25 3.92 18.06
CA ILE A 125 -3.14 4.99 19.07
C ILE A 125 -2.37 6.18 18.50
N GLY A 126 -1.19 5.93 17.92
CA GLY A 126 -0.37 6.98 17.31
C GLY A 126 -1.26 7.90 16.46
N ILE A 127 -1.99 7.28 15.53
CA ILE A 127 -2.92 8.00 14.63
C ILE A 127 -3.81 8.95 15.45
N VAL A 128 -4.51 8.45 16.47
CA VAL A 128 -5.40 9.26 17.33
C VAL A 128 -4.65 10.49 17.86
N VAL A 129 -3.39 10.31 18.28
CA VAL A 129 -2.58 11.39 18.86
C VAL A 129 -2.40 12.51 17.80
N VAL A 130 -1.90 12.11 16.62
CA VAL A 130 -1.59 13.06 15.54
C VAL A 130 -2.88 13.79 15.08
N VAL A 131 -3.99 13.04 14.92
CA VAL A 131 -5.29 13.56 14.49
C VAL A 131 -5.88 14.52 15.53
N TRP A 132 -5.91 14.18 16.83
CA TRP A 132 -6.47 15.14 17.80
C TRP A 132 -5.50 16.28 18.10
N GLY A 133 -4.19 16.07 17.87
CA GLY A 133 -3.17 17.11 18.00
C GLY A 133 -3.28 18.12 16.87
N PHE A 134 -3.53 17.63 15.65
CA PHE A 134 -3.70 18.47 14.47
C PHE A 134 -4.94 19.33 14.69
N ALA A 135 -6.07 18.70 15.07
CA ALA A 135 -7.33 19.38 15.41
C ALA A 135 -7.10 20.50 16.44
N ALA A 136 -6.32 20.16 17.48
CA ALA A 136 -6.03 21.09 18.57
C ALA A 136 -5.25 22.30 18.05
N ILE A 137 -4.27 22.11 17.14
CA ILE A 137 -3.47 23.22 16.58
C ILE A 137 -4.43 24.13 15.81
N CYS A 138 -5.29 23.49 14.98
CA CYS A 138 -6.26 24.18 14.14
C CYS A 138 -7.25 24.95 15.04
N PHE A 139 -7.63 24.43 16.23
CA PHE A 139 -8.57 25.12 17.13
C PHE A 139 -7.99 26.46 17.62
N PHE A 140 -6.71 26.46 17.99
CA PHE A 140 -6.02 27.66 18.50
C PHE A 140 -5.77 28.70 17.38
N ILE A 141 -5.76 28.21 16.14
CA ILE A 141 -5.65 29.07 14.94
C ILE A 141 -7.00 29.76 14.64
N ALA A 142 -8.10 29.01 14.80
CA ALA A 142 -9.47 29.53 14.58
C ALA A 142 -9.97 30.38 15.75
N LEU A 143 -9.34 30.29 16.94
CA LEU A 143 -9.83 31.00 18.12
C LEU A 143 -9.61 32.52 18.04
N PRO A 144 -8.41 33.08 17.71
CA PRO A 144 -8.21 34.53 17.77
C PRO A 144 -9.09 35.35 16.83
N THR A 145 -9.87 34.69 15.94
CA THR A 145 -10.81 35.35 15.02
C THR A 145 -12.21 34.72 15.08
N HIS A 146 -12.45 33.76 15.98
CA HIS A 146 -13.73 33.06 16.08
C HIS A 146 -14.15 32.47 14.72
N SER A 147 -13.19 31.92 13.96
CA SER A 147 -13.43 31.35 12.63
C SER A 147 -13.90 29.90 12.73
N TRP A 148 -15.11 29.71 13.26
CA TRP A 148 -15.61 28.40 13.69
C TRP A 148 -15.97 27.52 12.47
N LEU A 149 -16.52 28.09 11.40
CA LEU A 149 -16.86 27.26 10.24
C LEU A 149 -15.61 26.67 9.56
N TRP A 150 -14.48 27.38 9.59
CA TRP A 150 -13.23 26.86 9.02
C TRP A 150 -12.74 25.64 9.82
N LEU A 151 -12.85 25.72 11.16
CA LEU A 151 -12.38 24.66 12.04
C LEU A 151 -13.25 23.38 11.92
N ILE A 152 -14.58 23.56 11.83
CA ILE A 152 -15.44 22.37 11.68
C ILE A 152 -15.32 21.82 10.24
N SER A 153 -14.77 22.58 9.30
CA SER A 153 -14.47 22.07 7.95
C SER A 153 -13.21 21.18 7.99
N ILE A 154 -12.38 21.35 9.04
CA ILE A 154 -11.18 20.53 9.28
C ILE A 154 -11.63 19.19 9.88
N PHE A 155 -12.54 19.25 10.88
CA PHE A 155 -13.13 18.06 11.50
C PHE A 155 -13.76 17.16 10.45
N ASN A 156 -14.39 17.76 9.47
CA ASN A 156 -14.98 17.00 8.35
C ASN A 156 -13.88 16.44 7.40
N SER A 157 -12.77 17.15 7.18
CA SER A 157 -11.64 16.59 6.43
C SER A 157 -11.00 15.40 7.17
N ILE A 158 -10.98 15.49 8.50
CA ILE A 158 -10.49 14.40 9.34
C ILE A 158 -11.42 13.20 9.19
N GLN A 159 -12.76 13.42 9.14
CA GLN A 159 -13.69 12.29 8.96
C GLN A 159 -13.42 11.64 7.58
N VAL A 160 -13.08 12.42 6.56
CA VAL A 160 -12.76 11.86 5.25
C VAL A 160 -11.53 10.95 5.36
N PHE A 161 -10.49 11.43 6.05
CA PHE A 161 -9.25 10.69 6.26
C PHE A 161 -9.55 9.33 6.91
N MET A 162 -10.35 9.36 7.98
CA MET A 162 -10.68 8.16 8.76
C MET A 162 -11.62 7.26 7.95
N THR A 163 -12.47 7.78 7.04
CA THR A 163 -13.26 6.94 6.14
C THR A 163 -12.34 6.13 5.22
N CYS A 164 -11.19 6.68 4.87
CA CYS A 164 -10.14 5.97 4.08
C CYS A 164 -9.50 4.92 5.00
N VAL A 165 -9.26 5.30 6.26
CA VAL A 165 -8.68 4.38 7.25
C VAL A 165 -9.62 3.20 7.50
N LYS A 166 -10.93 3.39 7.30
CA LYS A 166 -11.89 2.29 7.42
C LYS A 166 -11.76 1.37 6.21
N TYR A 167 -11.98 1.86 4.99
CA TYR A 167 -12.07 0.98 3.81
C TYR A 167 -10.69 0.48 3.33
N ILE A 168 -9.62 1.28 3.43
CA ILE A 168 -8.36 0.87 2.79
C ILE A 168 -7.85 -0.40 3.46
N PRO A 169 -7.42 -0.39 4.76
CA PRO A 169 -6.84 -1.61 5.35
C PRO A 169 -7.70 -2.86 5.20
N GLN A 170 -9.03 -2.69 5.09
CA GLN A 170 -9.94 -3.83 4.95
C GLN A 170 -9.74 -4.44 3.57
N ALA A 171 -9.86 -3.62 2.51
CA ALA A 171 -9.70 -4.08 1.12
C ALA A 171 -8.30 -4.65 0.97
N LYS A 172 -7.32 -4.01 1.66
CA LYS A 172 -5.88 -4.35 1.62
C LYS A 172 -5.64 -5.78 2.17
N MET A 173 -6.33 -6.12 3.26
CA MET A 173 -6.36 -7.47 3.82
C MET A 173 -6.90 -8.45 2.77
N ASN A 174 -8.06 -8.16 2.19
CA ASN A 174 -8.68 -9.08 1.23
C ASN A 174 -7.74 -9.37 0.06
N PHE A 175 -6.92 -8.36 -0.35
CA PHE A 175 -5.98 -8.42 -1.49
C PHE A 175 -4.72 -9.24 -1.08
N THR A 176 -4.02 -8.77 -0.03
CA THR A 176 -2.75 -9.40 0.39
C THR A 176 -3.03 -10.87 0.72
N ARG A 177 -4.27 -11.17 1.17
CA ARG A 177 -4.77 -12.54 1.36
C ARG A 177 -5.38 -12.97 0.02
N LYS A 178 -6.58 -13.56 0.11
CA LYS A 178 -7.25 -14.01 -1.10
C LYS A 178 -8.76 -13.90 -0.99
N SER A 179 -9.45 -14.63 -0.12
CA SER A 179 -10.90 -14.74 -0.32
C SER A 179 -11.59 -13.37 -0.12
N THR A 180 -12.89 -13.29 0.24
CA THR A 180 -13.40 -12.00 0.75
C THR A 180 -13.84 -12.21 2.21
N VAL A 181 -12.98 -12.88 2.98
CA VAL A 181 -13.36 -13.61 4.18
C VAL A 181 -14.00 -12.65 5.15
N GLY A 182 -15.17 -13.01 5.63
CA GLY A 182 -16.01 -12.07 6.35
C GLY A 182 -17.03 -11.34 5.47
N TRP A 183 -17.21 -11.72 4.20
CA TRP A 183 -18.16 -11.07 3.27
C TRP A 183 -19.60 -11.14 3.80
N SER A 184 -20.20 -10.00 4.15
CA SER A 184 -21.58 -9.95 4.61
C SER A 184 -22.42 -9.24 3.57
N ILE A 185 -23.23 -10.01 2.83
CA ILE A 185 -24.03 -9.43 1.74
C ILE A 185 -24.95 -8.34 2.30
N GLY A 186 -25.64 -8.68 3.40
CA GLY A 186 -26.56 -7.75 4.05
C GLY A 186 -25.86 -6.41 4.38
N ASN A 187 -24.73 -6.52 5.09
CA ASN A 187 -24.03 -5.35 5.63
C ASN A 187 -23.52 -4.51 4.44
N ILE A 188 -22.94 -5.18 3.43
CA ILE A 188 -22.37 -4.50 2.25
C ILE A 188 -23.47 -3.80 1.44
N LEU A 189 -24.62 -4.44 1.37
CA LEU A 189 -25.77 -3.86 0.66
C LEU A 189 -26.21 -2.59 1.41
N LEU A 190 -26.18 -2.63 2.74
CA LEU A 190 -26.74 -1.52 3.52
C LEU A 190 -25.75 -0.36 3.50
N ASP A 191 -24.44 -0.65 3.48
CA ASP A 191 -23.47 0.45 3.44
C ASP A 191 -23.64 1.21 2.10
N PHE A 192 -23.72 0.43 1.01
CA PHE A 192 -23.94 0.93 -0.37
C PHE A 192 -25.19 1.80 -0.38
N THR A 193 -26.25 1.31 0.27
CA THR A 193 -27.54 1.98 0.35
C THR A 193 -27.35 3.35 1.02
N GLY A 194 -26.64 3.38 2.14
CA GLY A 194 -26.45 4.65 2.86
C GLY A 194 -25.67 5.66 2.04
N GLY A 195 -24.71 5.18 1.22
CA GLY A 195 -23.85 6.04 0.41
C GLY A 195 -24.60 6.63 -0.77
N LEU A 196 -25.48 5.84 -1.41
CA LEU A 196 -26.34 6.29 -2.49
C LEU A 196 -27.38 7.25 -1.94
N ALA A 197 -27.98 6.88 -0.81
CA ALA A 197 -29.03 7.73 -0.24
C ALA A 197 -28.43 9.08 0.18
N ASN A 198 -27.21 9.06 0.72
CA ASN A 198 -26.59 10.32 1.20
C ASN A 198 -26.14 11.17 0.02
N TYR A 199 -25.82 10.55 -1.12
CA TYR A 199 -25.45 11.30 -2.33
C TYR A 199 -26.73 11.87 -2.96
N LEU A 200 -27.78 11.04 -3.02
CA LEU A 200 -29.10 11.42 -3.55
C LEU A 200 -29.71 12.58 -2.75
N GLN A 201 -29.46 12.58 -1.43
CA GLN A 201 -29.98 13.63 -0.54
C GLN A 201 -29.37 14.96 -0.99
N MET A 202 -28.04 14.97 -1.15
CA MET A 202 -27.30 16.18 -1.54
C MET A 202 -27.81 16.66 -2.91
N VAL A 203 -28.01 15.71 -3.83
CA VAL A 203 -28.48 16.05 -5.18
C VAL A 203 -29.88 16.64 -5.10
N ILE A 204 -30.79 16.04 -4.31
CA ILE A 204 -32.17 16.57 -4.19
C ILE A 204 -32.12 18.00 -3.64
N GLN A 205 -31.21 18.26 -2.69
CA GLN A 205 -31.03 19.62 -2.16
C GLN A 205 -30.52 20.56 -3.26
N SER A 206 -29.64 20.08 -4.16
CA SER A 206 -29.12 20.88 -5.27
C SER A 206 -30.18 21.14 -6.35
N ILE A 207 -31.03 20.14 -6.64
CA ILE A 207 -32.08 20.27 -7.65
C ILE A 207 -33.06 21.34 -7.20
N ASP A 208 -33.47 21.35 -5.92
CA ASP A 208 -34.44 22.32 -5.40
C ASP A 208 -33.91 23.78 -5.43
N GLN A 209 -32.81 24.06 -4.67
CA GLN A 209 -32.25 25.41 -4.55
C GLN A 209 -31.62 25.87 -5.88
N ASN A 210 -31.21 24.89 -6.72
CA ASN A 210 -30.55 25.14 -8.02
C ASN A 210 -29.12 25.69 -7.80
N SER A 211 -28.36 25.00 -6.91
CA SER A 211 -27.02 25.39 -6.46
C SER A 211 -26.22 24.13 -6.13
N TRP A 212 -25.07 23.88 -6.79
CA TRP A 212 -24.18 22.74 -6.50
C TRP A 212 -23.23 23.08 -5.32
N LYS A 213 -23.40 24.25 -4.66
CA LYS A 213 -22.44 24.70 -3.63
C LYS A 213 -22.53 23.84 -2.37
N ASN A 214 -23.67 23.14 -2.15
CA ASN A 214 -23.82 22.25 -0.99
C ASN A 214 -22.72 21.16 -1.03
N PHE A 215 -22.27 20.79 -2.26
CA PHE A 215 -21.26 19.75 -2.51
C PHE A 215 -19.85 20.19 -2.09
N TYR A 216 -19.66 21.49 -1.83
CA TYR A 216 -18.36 22.00 -1.37
C TYR A 216 -18.48 22.48 0.08
N GLY A 217 -19.68 23.01 0.41
CA GLY A 217 -20.05 23.47 1.74
C GLY A 217 -19.99 22.32 2.72
N ASN A 218 -20.38 21.12 2.24
CA ASN A 218 -20.26 19.84 2.97
C ASN A 218 -19.54 18.80 2.09
N MET A 219 -18.23 19.02 1.87
CA MET A 219 -17.35 18.20 1.01
C MET A 219 -16.97 16.91 1.76
N GLY A 220 -17.12 16.92 3.09
CA GLY A 220 -16.94 15.72 3.90
C GLY A 220 -18.05 14.73 3.57
N LYS A 221 -19.31 15.17 3.54
CA LYS A 221 -20.41 14.26 3.24
C LYS A 221 -20.35 13.82 1.76
N THR A 222 -19.80 14.62 0.86
CA THR A 222 -19.73 14.28 -0.57
C THR A 222 -18.70 13.18 -0.81
N LEU A 223 -17.58 13.28 -0.09
CA LEU A 223 -16.49 12.30 -0.20
C LEU A 223 -16.77 11.06 0.67
N LEU A 224 -17.52 11.22 1.76
CA LEU A 224 -17.94 10.09 2.61
C LEU A 224 -18.74 9.11 1.73
N SER A 225 -19.82 9.61 1.09
CA SER A 225 -20.72 8.81 0.27
C SER A 225 -19.96 8.19 -0.89
N LEU A 226 -19.10 8.98 -1.55
CA LEU A 226 -18.44 8.49 -2.77
C LEU A 226 -17.38 7.43 -2.45
N ILE A 227 -16.60 7.61 -1.38
CA ILE A 227 -15.62 6.61 -0.97
C ILE A 227 -16.35 5.32 -0.60
N SER A 228 -17.47 5.42 0.13
CA SER A 228 -18.29 4.28 0.57
C SER A 228 -18.76 3.49 -0.64
N ILE A 229 -19.36 4.16 -1.62
CA ILE A 229 -19.93 3.52 -2.80
C ILE A 229 -18.80 2.84 -3.60
N PHE A 230 -17.68 3.58 -3.76
CA PHE A 230 -16.52 3.14 -4.55
C PHE A 230 -15.97 1.82 -3.98
N PHE A 231 -15.71 1.82 -2.66
CA PHE A 231 -15.15 0.65 -1.98
C PHE A 231 -16.17 -0.48 -1.97
N ASP A 232 -17.46 -0.21 -1.77
CA ASP A 232 -18.47 -1.28 -1.82
C ASP A 232 -18.45 -1.96 -3.19
N ILE A 233 -18.39 -1.16 -4.26
CA ILE A 233 -18.36 -1.73 -5.62
C ILE A 233 -17.12 -2.61 -5.74
N LEU A 234 -15.99 -2.19 -5.13
CA LEU A 234 -14.72 -2.91 -5.15
C LEU A 234 -14.86 -4.26 -4.41
N PHE A 235 -15.50 -4.22 -3.23
CA PHE A 235 -15.74 -5.42 -2.41
C PHE A 235 -16.62 -6.41 -3.17
N MET A 236 -17.75 -5.92 -3.69
CA MET A 236 -18.61 -6.64 -4.64
C MET A 236 -17.73 -7.34 -5.67
N PHE A 237 -16.76 -6.58 -6.22
CA PHE A 237 -15.99 -6.90 -7.42
C PHE A 237 -14.79 -7.75 -7.01
N GLN A 238 -14.33 -7.56 -5.78
CA GLN A 238 -13.52 -8.65 -5.22
C GLN A 238 -14.41 -9.92 -5.25
N HIS A 239 -15.42 -9.99 -4.36
CA HIS A 239 -16.24 -11.18 -4.07
C HIS A 239 -16.86 -11.81 -5.33
N TYR A 240 -17.67 -11.08 -6.13
CA TYR A 240 -18.55 -11.72 -7.14
C TYR A 240 -17.74 -12.18 -8.36
N VAL A 241 -16.55 -11.55 -8.57
CA VAL A 241 -15.58 -11.89 -9.63
C VAL A 241 -14.24 -12.29 -9.01
N LEU A 242 -13.32 -11.29 -8.90
CA LEU A 242 -11.85 -11.36 -8.72
C LEU A 242 -11.37 -12.51 -7.81
N TYR A 243 -11.97 -12.67 -6.62
CA TYR A 243 -11.83 -13.85 -5.74
C TYR A 243 -13.23 -14.40 -5.41
N PRO A 244 -13.72 -15.41 -6.14
CA PRO A 244 -14.93 -16.11 -5.69
C PRO A 244 -14.43 -16.96 -4.51
N GLU A 245 -14.88 -18.23 -4.34
CA GLU A 245 -14.19 -19.26 -3.53
C GLU A 245 -14.70 -20.69 -3.82
N SER B 3 5.47 36.90 -23.27
CA SER B 3 5.05 38.02 -22.39
C SER B 3 5.83 38.18 -21.08
N TRP B 4 7.17 38.09 -21.01
CA TRP B 4 7.85 38.34 -19.73
C TRP B 4 7.80 39.85 -19.44
N ASN B 5 7.58 40.19 -18.17
CA ASN B 5 7.59 41.56 -17.67
C ASN B 5 9.00 41.90 -17.19
N SER B 6 9.56 40.99 -16.37
CA SER B 6 10.88 41.20 -15.77
C SER B 6 11.94 40.39 -16.52
N ILE B 7 13.03 41.04 -16.95
CA ILE B 7 14.14 40.29 -17.58
C ILE B 7 14.91 39.50 -16.52
N PRO B 8 15.32 40.08 -15.36
CA PRO B 8 15.96 39.27 -14.31
C PRO B 8 15.15 38.01 -13.96
N LEU B 9 13.82 38.15 -13.78
CA LEU B 9 12.96 37.00 -13.45
C LEU B 9 13.04 35.99 -14.59
N GLU B 10 12.83 36.43 -15.83
CA GLU B 10 12.91 35.54 -17.00
C GLU B 10 14.25 34.77 -17.01
N ILE B 11 15.36 35.43 -16.63
CA ILE B 11 16.70 34.80 -16.59
C ILE B 11 16.68 33.74 -15.51
N SER B 12 16.25 34.11 -14.30
CA SER B 12 16.16 33.16 -13.17
C SER B 12 15.34 31.90 -13.50
N TYR B 13 14.18 32.13 -14.15
CA TYR B 13 13.26 31.10 -14.68
C TYR B 13 14.01 30.20 -15.67
N GLU B 14 14.84 30.81 -16.54
CA GLU B 14 15.64 30.05 -17.52
C GLU B 14 16.71 29.22 -16.83
N ILE B 15 17.45 29.83 -15.89
CA ILE B 15 18.54 29.11 -15.20
C ILE B 15 17.97 27.91 -14.40
N VAL B 16 16.99 28.16 -13.51
CA VAL B 16 16.38 27.07 -12.73
C VAL B 16 15.78 25.98 -13.67
N GLY B 17 15.19 26.42 -14.80
CA GLY B 17 14.62 25.53 -15.80
C GLY B 17 15.69 24.62 -16.36
N TRP B 18 16.89 25.19 -16.64
CA TRP B 18 17.98 24.38 -17.21
C TRP B 18 18.58 23.51 -16.10
N ILE B 19 18.52 23.97 -14.82
CA ILE B 19 19.02 23.14 -13.70
C ILE B 19 18.14 21.89 -13.56
N ALA B 20 16.81 22.07 -13.66
CA ALA B 20 15.84 20.97 -13.54
C ALA B 20 16.13 19.93 -14.61
N PHE B 21 16.44 20.37 -15.83
CA PHE B 21 16.84 19.44 -16.89
C PHE B 21 18.10 18.73 -16.38
N ALA B 22 19.16 19.49 -16.12
CA ALA B 22 20.45 18.96 -15.66
C ALA B 22 20.25 17.78 -14.70
N SER B 23 19.83 18.02 -13.45
CA SER B 23 19.71 16.96 -12.43
C SER B 23 19.00 15.71 -12.98
N TRP B 24 17.74 15.93 -13.35
CA TRP B 24 16.90 14.80 -13.74
C TRP B 24 17.48 14.03 -14.92
N SER B 25 17.90 14.72 -15.98
CA SER B 25 18.33 14.06 -17.20
C SER B 25 19.70 13.38 -17.01
N ILE B 26 20.56 13.96 -16.15
CA ILE B 26 21.88 13.37 -15.85
C ILE B 26 21.74 12.05 -15.08
N SER B 27 20.69 11.90 -14.29
CA SER B 27 20.47 10.63 -13.60
C SER B 27 20.17 9.46 -14.55
N PHE B 28 20.09 9.66 -15.87
CA PHE B 28 19.81 8.55 -16.81
C PHE B 28 21.08 7.79 -17.17
N TYR B 29 22.22 8.49 -17.19
CA TYR B 29 23.52 7.99 -17.69
C TYR B 29 24.15 6.88 -16.82
N PRO B 30 24.26 6.96 -15.46
CA PRO B 30 24.91 5.91 -14.67
C PRO B 30 24.54 4.47 -15.07
N GLN B 31 23.25 4.24 -15.37
CA GLN B 31 22.74 2.91 -15.69
C GLN B 31 23.24 2.53 -17.09
N LEU B 32 23.09 3.46 -18.03
CA LEU B 32 23.45 3.24 -19.43
C LEU B 32 24.95 2.90 -19.52
N ILE B 33 25.77 3.60 -18.74
CA ILE B 33 27.23 3.39 -18.76
C ILE B 33 27.50 1.98 -18.21
N LEU B 34 26.86 1.66 -17.08
CA LEU B 34 27.01 0.35 -16.42
C LEU B 34 26.64 -0.80 -17.38
N ASN B 35 25.54 -0.67 -18.11
CA ASN B 35 25.07 -1.74 -19.01
C ASN B 35 25.97 -1.89 -20.24
N PHE B 36 26.63 -0.82 -20.68
CA PHE B 36 27.55 -0.91 -21.83
C PHE B 36 28.82 -1.63 -21.33
N ARG B 37 29.32 -1.27 -20.12
CA ARG B 37 30.53 -1.81 -19.44
C ARG B 37 30.55 -3.35 -19.13
N ARG B 38 29.40 -4.04 -19.30
CA ARG B 38 29.20 -5.45 -18.97
C ARG B 38 28.36 -6.18 -20.01
N ARG B 39 28.36 -5.72 -21.26
CA ARG B 39 27.21 -5.92 -22.17
C ARG B 39 26.12 -6.80 -21.49
N SER B 40 25.49 -6.32 -20.39
CA SER B 40 24.48 -7.08 -19.64
C SER B 40 23.50 -6.13 -18.92
N VAL B 41 22.26 -6.60 -18.68
CA VAL B 41 21.22 -5.85 -17.96
C VAL B 41 20.64 -6.74 -16.82
N VAL B 42 21.46 -7.66 -16.28
CA VAL B 42 21.09 -8.49 -15.13
C VAL B 42 21.11 -7.61 -13.89
N GLY B 43 19.91 -7.11 -13.52
CA GLY B 43 19.73 -6.32 -12.30
C GLY B 43 18.65 -5.26 -12.49
N LEU B 44 18.67 -4.64 -13.67
CA LEU B 44 17.68 -3.68 -14.12
C LEU B 44 16.25 -4.23 -14.02
N ASN B 45 15.31 -3.43 -13.56
CA ASN B 45 13.93 -3.91 -13.42
C ASN B 45 13.22 -3.71 -14.75
N PHE B 46 12.99 -4.82 -15.45
CA PHE B 46 12.45 -4.77 -16.82
C PHE B 46 11.12 -4.00 -16.88
N ASP B 47 10.19 -4.36 -15.96
CA ASP B 47 8.88 -3.70 -15.79
C ASP B 47 9.07 -2.17 -15.70
N PHE B 48 9.93 -1.73 -14.76
CA PHE B 48 10.17 -0.31 -14.50
C PHE B 48 10.57 0.38 -15.80
N VAL B 49 11.59 -0.11 -16.52
CA VAL B 49 12.05 0.59 -17.74
C VAL B 49 10.88 0.70 -18.74
N MET B 50 10.10 -0.37 -18.93
CA MET B 50 8.94 -0.31 -19.84
C MET B 50 7.97 0.79 -19.37
N LEU B 51 7.59 0.77 -18.08
CA LEU B 51 6.58 1.72 -17.59
C LEU B 51 7.15 3.15 -17.65
N ASN B 52 8.46 3.30 -17.47
CA ASN B 52 9.09 4.64 -17.51
C ASN B 52 9.15 5.17 -18.94
N LEU B 53 9.03 4.31 -19.95
CA LEU B 53 8.94 4.77 -21.34
C LEU B 53 7.55 5.34 -21.57
N THR B 54 6.53 4.60 -21.11
CA THR B 54 5.13 5.06 -21.19
C THR B 54 4.98 6.43 -20.52
N LYS B 55 5.55 6.58 -19.31
CA LYS B 55 5.46 7.83 -18.55
C LYS B 55 6.10 8.94 -19.39
N HIS B 56 7.32 8.67 -19.89
CA HIS B 56 8.10 9.66 -20.60
C HIS B 56 7.49 10.02 -21.96
N SER B 57 6.65 9.15 -22.52
CA SER B 57 5.97 9.38 -23.80
C SER B 57 4.71 10.25 -23.61
N SER B 58 3.93 9.96 -22.55
CA SER B 58 2.75 10.75 -22.19
C SER B 58 3.18 12.19 -21.92
N TYR B 59 4.25 12.34 -21.12
CA TYR B 59 4.76 13.67 -20.77
C TYR B 59 5.27 14.35 -22.04
N MET B 60 5.95 13.58 -22.88
CA MET B 60 6.53 14.13 -24.12
C MET B 60 5.42 14.67 -25.05
N ILE B 61 4.34 13.90 -25.23
CA ILE B 61 3.19 14.30 -26.08
C ILE B 61 2.64 15.65 -25.60
N TYR B 62 2.40 15.76 -24.28
CA TYR B 62 1.89 17.00 -23.68
C TYR B 62 2.84 18.17 -23.92
N ASN B 63 4.12 18.05 -23.54
CA ASN B 63 5.09 19.17 -23.67
C ASN B 63 5.41 19.55 -25.12
N VAL B 64 5.54 18.59 -26.03
CA VAL B 64 5.92 18.90 -27.41
C VAL B 64 4.71 19.55 -28.07
N CYS B 65 3.51 19.00 -27.84
CA CYS B 65 2.30 19.51 -28.51
C CYS B 65 1.94 20.92 -28.01
N LEU B 66 2.03 21.16 -26.69
CA LEU B 66 1.69 22.49 -26.14
C LEU B 66 2.78 23.51 -26.49
N TYR B 67 4.04 23.11 -26.62
CA TYR B 67 5.14 24.03 -26.94
C TYR B 67 5.19 24.36 -28.45
N PHE B 68 4.71 23.47 -29.33
CA PHE B 68 4.86 23.73 -30.76
C PHE B 68 3.55 23.93 -31.52
N SER B 69 2.37 23.59 -30.96
CA SER B 69 1.11 23.75 -31.71
C SER B 69 0.39 25.06 -31.38
N PRO B 70 0.24 25.96 -32.38
CA PRO B 70 -0.55 27.17 -32.17
C PRO B 70 -2.03 26.77 -32.00
N VAL B 71 -2.48 25.72 -32.71
CA VAL B 71 -3.87 25.25 -32.56
C VAL B 71 -4.11 24.78 -31.11
N ILE B 72 -3.15 24.06 -30.51
CA ILE B 72 -3.29 23.63 -29.10
C ILE B 72 -3.15 24.85 -28.16
N GLN B 73 -2.19 25.73 -28.43
CA GLN B 73 -2.02 26.96 -27.65
C GLN B 73 -3.33 27.77 -27.69
N LYS B 74 -4.01 27.87 -28.87
CA LYS B 74 -5.30 28.58 -28.98
C LYS B 74 -6.30 27.96 -27.99
N GLN B 75 -6.36 26.63 -27.94
CA GLN B 75 -7.21 25.94 -26.95
C GLN B 75 -6.76 26.24 -25.50
N TYR B 76 -5.45 26.48 -25.26
CA TYR B 76 -4.93 26.82 -23.91
C TYR B 76 -5.41 28.24 -23.54
N PHE B 77 -5.49 29.14 -24.53
CA PHE B 77 -5.94 30.53 -24.29
C PHE B 77 -7.46 30.59 -24.14
N ASP B 78 -8.18 29.65 -24.75
CA ASP B 78 -9.65 29.59 -24.67
C ASP B 78 -10.05 29.11 -23.27
N THR B 79 -9.45 27.99 -22.84
CA THR B 79 -9.68 27.32 -21.55
C THR B 79 -9.20 28.17 -20.35
N TYR B 80 -7.93 28.62 -20.34
CA TYR B 80 -7.30 29.16 -19.13
C TYR B 80 -7.23 30.68 -19.14
N GLY B 81 -7.31 31.29 -20.31
CA GLY B 81 -7.26 32.75 -20.35
C GLY B 81 -6.37 33.27 -21.47
N ASP B 82 -6.80 34.45 -21.96
CA ASP B 82 -6.31 35.12 -23.16
C ASP B 82 -4.85 35.61 -22.96
N LYS B 83 -4.61 36.20 -21.78
CA LYS B 83 -3.29 36.76 -21.42
C LYS B 83 -2.49 35.82 -20.52
N GLU B 84 -2.67 34.50 -20.70
CA GLU B 84 -1.93 33.45 -19.96
C GLU B 84 -0.64 33.13 -20.70
N MET B 85 0.47 32.98 -19.95
CA MET B 85 1.70 32.45 -20.53
C MET B 85 1.62 30.90 -20.57
N ILE B 86 2.08 30.31 -21.67
CA ILE B 86 2.08 28.86 -21.82
C ILE B 86 3.01 28.26 -20.76
N PRO B 87 2.51 27.32 -19.92
CA PRO B 87 3.29 26.82 -18.78
C PRO B 87 4.34 25.76 -19.15
N VAL B 88 4.66 25.58 -20.44
CA VAL B 88 5.69 24.60 -20.86
C VAL B 88 6.93 25.34 -21.35
N ALA B 89 8.11 25.01 -20.81
CA ALA B 89 9.38 25.66 -21.15
C ALA B 89 10.22 24.80 -22.12
N ALA B 90 11.28 25.39 -22.74
CA ALA B 90 12.16 24.67 -23.69
C ALA B 90 12.80 23.47 -22.98
N ASN B 91 13.18 23.65 -21.70
CA ASN B 91 13.84 22.58 -20.95
C ASN B 91 12.83 21.45 -20.63
N ASP B 92 11.52 21.75 -20.48
CA ASP B 92 10.49 20.71 -20.29
C ASP B 92 10.43 19.81 -21.54
N VAL B 93 10.51 20.43 -22.72
CA VAL B 93 10.48 19.72 -24.01
C VAL B 93 11.80 18.95 -24.18
N ALA B 94 12.91 19.61 -23.80
CA ALA B 94 14.25 19.01 -23.87
C ALA B 94 14.35 17.75 -22.98
N PHE B 95 13.87 17.85 -21.73
CA PHE B 95 13.84 16.72 -20.80
C PHE B 95 13.01 15.60 -21.41
N SER B 96 11.77 15.89 -21.82
CA SER B 96 10.89 14.84 -22.34
C SER B 96 11.57 14.16 -23.54
N ILE B 97 12.12 14.91 -24.51
CA ILE B 97 12.74 14.27 -25.69
C ILE B 97 13.97 13.47 -25.28
N HIS B 98 14.81 14.02 -24.39
CA HIS B 98 16.02 13.34 -23.87
C HIS B 98 15.69 12.07 -23.05
N ALA B 99 14.59 12.08 -22.25
CA ALA B 99 14.18 10.94 -21.42
C ALA B 99 13.63 9.82 -22.29
N VAL B 100 12.81 10.15 -23.31
CA VAL B 100 12.27 9.12 -24.20
C VAL B 100 13.45 8.48 -24.93
N VAL B 101 14.42 9.30 -25.38
CA VAL B 101 15.60 8.79 -26.11
C VAL B 101 16.40 7.84 -25.19
N MET B 102 16.66 8.26 -23.94
CA MET B 102 17.47 7.45 -23.02
C MET B 102 16.69 6.21 -22.58
N THR B 103 15.34 6.25 -22.59
CA THR B 103 14.56 5.09 -22.18
C THR B 103 14.57 4.04 -23.29
N ALA B 104 14.57 4.49 -24.56
CA ALA B 104 14.57 3.60 -25.71
C ALA B 104 15.96 2.98 -25.87
N VAL B 105 17.03 3.72 -25.51
CA VAL B 105 18.40 3.18 -25.49
C VAL B 105 18.56 2.06 -24.42
N THR B 106 18.01 2.28 -23.22
CA THR B 106 18.06 1.24 -22.19
C THR B 106 17.23 0.03 -22.63
N LEU B 107 16.14 0.24 -23.37
CA LEU B 107 15.34 -0.89 -23.84
C LEU B 107 16.11 -1.65 -24.93
N PHE B 108 16.92 -0.91 -25.68
CA PHE B 108 17.77 -1.46 -26.75
C PHE B 108 18.77 -2.36 -26.05
N GLN B 109 19.42 -1.83 -24.99
CA GLN B 109 20.40 -2.57 -24.20
C GLN B 109 19.77 -3.84 -23.58
N ILE B 110 18.50 -3.78 -23.16
CA ILE B 110 17.84 -4.96 -22.58
C ILE B 110 17.71 -6.04 -23.65
N PHE B 111 17.30 -5.70 -24.87
CA PHE B 111 17.11 -6.73 -25.90
C PHE B 111 18.49 -7.22 -26.38
N ILE B 112 19.44 -6.30 -26.61
CA ILE B 112 20.72 -6.64 -27.26
C ILE B 112 21.73 -7.20 -26.27
N TYR B 113 21.70 -6.81 -25.00
CA TYR B 113 22.67 -7.36 -24.04
C TYR B 113 22.08 -8.49 -23.18
N GLU B 114 21.07 -8.12 -22.35
CA GLU B 114 20.14 -9.02 -21.63
C GLU B 114 20.97 -9.85 -20.62
N ARG B 115 21.36 -11.07 -21.01
CA ARG B 115 21.96 -11.99 -20.06
C ARG B 115 21.04 -12.08 -18.84
N GLY B 116 19.87 -11.39 -18.85
CA GLY B 116 18.93 -11.47 -17.75
C GLY B 116 18.16 -12.79 -17.80
N PRO B 117 18.00 -13.56 -16.69
CA PRO B 117 16.98 -14.60 -16.61
C PRO B 117 15.65 -13.94 -16.29
N GLN B 118 15.56 -12.60 -16.45
CA GLN B 118 14.49 -11.77 -15.91
C GLN B 118 13.40 -11.66 -16.94
N LYS B 119 12.21 -11.39 -16.44
CA LYS B 119 11.04 -11.20 -17.29
C LYS B 119 10.23 -10.04 -16.72
N VAL B 120 9.83 -10.25 -15.43
CA VAL B 120 8.90 -9.38 -14.67
C VAL B 120 7.69 -8.92 -15.54
N SER B 121 7.67 -9.35 -16.79
CA SER B 121 6.67 -9.10 -17.82
C SER B 121 5.37 -9.91 -17.63
N ARG B 122 4.71 -9.85 -16.47
CA ARG B 122 3.25 -10.06 -16.40
C ARG B 122 2.84 -8.89 -15.52
N LEU B 123 1.58 -8.69 -15.17
CA LEU B 123 1.17 -7.48 -14.45
C LEU B 123 1.67 -6.21 -15.15
N ALA B 124 2.98 -5.87 -15.16
CA ALA B 124 3.58 -4.67 -15.80
C ALA B 124 3.19 -4.52 -17.27
N ILE B 125 3.14 -5.61 -18.05
CA ILE B 125 2.70 -5.50 -19.44
C ILE B 125 1.22 -5.10 -19.48
N GLY B 126 0.40 -5.77 -18.64
CA GLY B 126 -1.03 -5.48 -18.51
C GLY B 126 -1.33 -4.03 -18.12
N ILE B 127 -0.40 -3.37 -17.42
CA ILE B 127 -0.47 -1.93 -17.12
C ILE B 127 -0.31 -1.12 -18.43
N VAL B 128 0.76 -1.34 -19.21
CA VAL B 128 0.98 -0.63 -20.48
C VAL B 128 -0.25 -0.81 -21.40
N VAL B 129 -0.86 -1.99 -21.45
CA VAL B 129 -2.06 -2.26 -22.26
C VAL B 129 -3.19 -1.31 -21.82
N VAL B 130 -3.52 -1.30 -20.51
CA VAL B 130 -4.65 -0.51 -20.00
C VAL B 130 -4.38 0.99 -20.25
N VAL B 131 -3.13 1.44 -20.00
CA VAL B 131 -2.72 2.84 -20.19
C VAL B 131 -2.79 3.24 -21.67
N TRP B 132 -2.23 2.46 -22.62
CA TRP B 132 -2.31 2.88 -24.03
C TRP B 132 -3.68 2.61 -24.64
N GLY B 133 -4.46 1.70 -24.05
CA GLY B 133 -5.85 1.46 -24.44
C GLY B 133 -6.74 2.63 -24.00
N PHE B 134 -6.51 3.13 -22.79
CA PHE B 134 -7.26 4.25 -22.21
C PHE B 134 -6.98 5.46 -23.10
N ALA B 135 -5.68 5.72 -23.37
CA ALA B 135 -5.21 6.81 -24.26
C ALA B 135 -5.90 6.74 -25.62
N ALA B 136 -5.97 5.52 -26.18
CA ALA B 136 -6.59 5.29 -27.48
C ALA B 136 -8.08 5.63 -27.44
N ILE B 137 -8.82 5.26 -26.37
CA ILE B 137 -10.26 5.55 -26.23
C ILE B 137 -10.40 7.08 -26.22
N CYS B 138 -9.56 7.75 -25.41
CA CYS B 138 -9.55 9.19 -25.22
C CYS B 138 -9.23 9.86 -26.56
N PHE B 139 -8.35 9.28 -27.41
CA PHE B 139 -7.99 9.88 -28.71
C PHE B 139 -9.22 9.96 -29.65
N PHE B 140 -10.02 8.89 -29.69
CA PHE B 140 -11.22 8.81 -30.53
C PHE B 140 -12.35 9.72 -30.00
N ILE B 141 -12.28 10.04 -28.71
CA ILE B 141 -13.22 10.98 -28.07
C ILE B 141 -12.86 12.42 -28.45
N ALA B 142 -11.55 12.71 -28.48
CA ALA B 142 -11.04 14.05 -28.80
C ALA B 142 -11.04 14.32 -30.32
N LEU B 143 -11.11 13.26 -31.16
CA LEU B 143 -11.02 13.45 -32.62
C LEU B 143 -12.27 14.09 -33.23
N PRO B 144 -13.55 13.70 -32.96
CA PRO B 144 -14.71 14.28 -33.64
C PRO B 144 -14.91 15.80 -33.42
N THR B 145 -14.12 16.43 -32.52
CA THR B 145 -14.13 17.87 -32.29
C THR B 145 -12.70 18.48 -32.35
N HIS B 146 -11.66 17.70 -32.67
CA HIS B 146 -10.26 18.16 -32.66
C HIS B 146 -9.89 18.81 -31.30
N SER B 147 -10.35 18.18 -30.20
CA SER B 147 -10.17 18.70 -28.82
C SER B 147 -8.81 18.27 -28.26
N TRP B 148 -7.73 18.82 -28.84
CA TRP B 148 -6.36 18.32 -28.65
C TRP B 148 -5.82 18.71 -27.27
N LEU B 149 -6.17 19.89 -26.73
CA LEU B 149 -5.62 20.26 -25.41
C LEU B 149 -6.20 19.34 -24.31
N TRP B 150 -7.45 18.88 -24.46
CA TRP B 150 -8.06 17.96 -23.49
C TRP B 150 -7.33 16.61 -23.51
N LEU B 151 -6.98 16.12 -24.70
CA LEU B 151 -6.34 14.80 -24.86
C LEU B 151 -4.89 14.82 -24.31
N ILE B 152 -4.14 15.89 -24.58
CA ILE B 152 -2.76 15.98 -24.04
C ILE B 152 -2.82 16.25 -22.52
N SER B 153 -3.95 16.71 -21.97
CA SER B 153 -4.14 16.87 -20.52
C SER B 153 -4.36 15.50 -19.88
N ILE B 154 -4.76 14.49 -20.68
CA ILE B 154 -4.94 13.10 -20.21
C ILE B 154 -3.56 12.45 -20.17
N PHE B 155 -2.75 12.66 -21.23
CA PHE B 155 -1.37 12.16 -21.31
C PHE B 155 -0.58 12.66 -20.11
N ASN B 156 -0.82 13.90 -19.69
CA ASN B 156 -0.15 14.46 -18.51
C ASN B 156 -0.71 13.84 -17.21
N SER B 157 -2.01 13.48 -17.13
CA SER B 157 -2.56 12.75 -15.98
C SER B 157 -1.97 11.33 -15.94
N ILE B 158 -1.72 10.74 -17.11
CA ILE B 158 -1.08 9.42 -17.19
C ILE B 158 0.33 9.57 -16.68
N GLN B 159 1.06 10.66 -17.00
CA GLN B 159 2.44 10.83 -16.49
C GLN B 159 2.40 10.93 -14.97
N VAL B 160 1.37 11.58 -14.40
CA VAL B 160 1.22 11.68 -12.94
C VAL B 160 1.06 10.27 -12.39
N PHE B 161 0.17 9.45 -12.98
CA PHE B 161 -0.09 8.06 -12.56
C PHE B 161 1.23 7.27 -12.54
N MET B 162 2.02 7.36 -13.63
CA MET B 162 3.28 6.64 -13.77
C MET B 162 4.34 7.20 -12.83
N THR B 163 4.32 8.49 -12.49
CA THR B 163 5.23 9.05 -11.48
C THR B 163 4.96 8.39 -10.14
N CYS B 164 3.69 8.05 -9.86
CA CYS B 164 3.30 7.34 -8.64
C CYS B 164 3.80 5.90 -8.76
N VAL B 165 3.66 5.32 -9.95
CA VAL B 165 4.14 3.95 -10.22
C VAL B 165 5.65 3.88 -10.02
N LYS B 166 6.38 4.97 -10.21
CA LYS B 166 7.82 5.00 -9.97
C LYS B 166 8.09 5.03 -8.46
N TYR B 167 7.62 6.05 -7.74
CA TYR B 167 8.02 6.23 -6.34
C TYR B 167 7.27 5.27 -5.39
N ILE B 168 5.99 4.92 -5.64
CA ILE B 168 5.25 4.15 -4.62
C ILE B 168 5.93 2.79 -4.44
N PRO B 169 5.90 1.86 -5.45
CA PRO B 169 6.44 0.53 -5.22
C PRO B 169 7.85 0.55 -4.63
N GLN B 170 8.65 1.59 -4.91
CA GLN B 170 10.03 1.66 -4.45
C GLN B 170 10.03 1.89 -2.94
N ALA B 171 9.31 2.91 -2.46
CA ALA B 171 9.22 3.22 -1.03
C ALA B 171 8.63 2.03 -0.31
N LYS B 172 7.64 1.38 -0.98
CA LYS B 172 6.88 0.22 -0.47
C LYS B 172 7.82 -0.97 -0.26
N MET B 173 8.76 -1.19 -1.21
CA MET B 173 9.83 -2.19 -1.11
C MET B 173 10.68 -1.87 0.12
N ASN B 174 11.13 -0.64 0.32
CA ASN B 174 11.97 -0.31 1.47
C ASN B 174 11.25 -0.61 2.79
N PHE B 175 9.90 -0.49 2.83
CA PHE B 175 9.06 -0.82 4.01
C PHE B 175 8.91 -2.37 4.16
N THR B 176 8.32 -3.03 3.14
CA THR B 176 8.02 -4.47 3.21
C THR B 176 9.33 -5.22 3.46
N ARG B 177 10.47 -4.64 3.00
CA ARG B 177 11.83 -5.09 3.34
C ARG B 177 12.22 -4.39 4.65
N LYS B 178 13.43 -3.83 4.69
CA LYS B 178 13.86 -3.20 5.95
C LYS B 178 14.75 -1.99 5.64
N SER B 179 16.02 -2.28 5.39
CA SER B 179 17.07 -1.33 5.04
C SER B 179 16.57 -0.17 4.15
N THR B 180 17.48 0.73 3.76
CA THR B 180 17.23 1.55 2.58
C THR B 180 18.31 1.16 1.54
N VAL B 181 18.40 -0.15 1.29
CA VAL B 181 19.18 -0.72 0.18
C VAL B 181 18.93 0.07 -1.10
N GLY B 182 19.97 0.53 -1.76
CA GLY B 182 19.76 1.50 -2.83
C GLY B 182 19.63 2.96 -2.35
N TRP B 183 20.24 3.29 -1.22
CA TRP B 183 20.39 4.69 -0.81
C TRP B 183 21.57 5.35 -1.54
N SER B 184 21.27 6.21 -2.52
CA SER B 184 22.28 7.04 -3.19
C SER B 184 22.03 8.49 -2.81
N ILE B 185 22.87 9.04 -1.92
CA ILE B 185 22.68 10.42 -1.44
C ILE B 185 22.59 11.37 -2.64
N GLY B 186 23.59 11.26 -3.52
CA GLY B 186 23.70 12.08 -4.73
C GLY B 186 22.43 12.01 -5.56
N ASN B 187 22.01 10.77 -5.88
CA ASN B 187 20.88 10.56 -6.79
C ASN B 187 19.61 11.16 -6.17
N ILE B 188 19.43 10.93 -4.87
CA ILE B 188 18.24 11.42 -4.17
C ILE B 188 18.25 12.94 -4.22
N LEU B 189 19.42 13.51 -3.95
CA LEU B 189 19.60 14.97 -3.97
C LEU B 189 19.24 15.46 -5.36
N LEU B 190 19.68 14.80 -6.42
CA LEU B 190 19.46 15.33 -7.76
C LEU B 190 17.98 15.29 -8.05
N ASP B 191 17.29 14.24 -7.66
CA ASP B 191 15.85 14.14 -7.97
C ASP B 191 15.14 15.31 -7.27
N PHE B 192 15.44 15.49 -5.96
CA PHE B 192 14.87 16.56 -5.12
C PHE B 192 15.11 17.90 -5.77
N THR B 193 16.30 18.09 -6.32
CA THR B 193 16.73 19.33 -6.95
C THR B 193 15.86 19.55 -8.17
N GLY B 194 15.77 18.57 -9.04
CA GLY B 194 14.89 18.70 -10.19
C GLY B 194 13.50 19.12 -9.77
N GLY B 195 12.96 18.52 -8.70
CA GLY B 195 11.60 18.79 -8.26
C GLY B 195 11.47 20.23 -7.78
N LEU B 196 12.35 20.67 -6.88
CA LEU B 196 12.34 22.03 -6.37
C LEU B 196 12.48 23.00 -7.53
N ALA B 197 13.37 22.68 -8.47
CA ALA B 197 13.67 23.62 -9.55
C ALA B 197 12.44 23.71 -10.44
N ASN B 198 11.75 22.61 -10.70
CA ASN B 198 10.61 22.70 -11.60
C ASN B 198 9.50 23.51 -10.89
N TYR B 199 9.36 23.29 -9.58
CA TYR B 199 8.36 24.03 -8.80
C TYR B 199 8.76 25.49 -8.81
N LEU B 200 10.08 25.74 -8.69
CA LEU B 200 10.59 27.14 -8.59
C LEU B 200 10.37 27.86 -9.92
N GLN B 201 10.53 27.13 -11.02
CA GLN B 201 10.32 27.68 -12.36
C GLN B 201 8.86 28.13 -12.47
N MET B 202 7.94 27.27 -12.04
CA MET B 202 6.51 27.59 -12.16
C MET B 202 6.21 28.82 -11.29
N VAL B 203 6.81 28.86 -10.11
CA VAL B 203 6.54 29.94 -9.16
C VAL B 203 7.08 31.25 -9.76
N ILE B 204 8.25 31.20 -10.43
CA ILE B 204 8.82 32.42 -11.03
C ILE B 204 7.83 32.89 -12.09
N GLN B 205 7.44 31.97 -12.99
CA GLN B 205 6.47 32.31 -14.04
C GLN B 205 5.23 32.96 -13.42
N SER B 206 4.85 32.51 -12.21
CA SER B 206 3.65 33.04 -11.55
C SER B 206 3.93 34.41 -10.93
N ILE B 207 5.14 34.60 -10.38
CA ILE B 207 5.52 35.88 -9.77
C ILE B 207 5.50 36.97 -10.86
N ASP B 208 6.11 36.67 -12.01
CA ASP B 208 6.17 37.63 -13.11
C ASP B 208 4.72 37.84 -13.53
N GLN B 209 4.14 36.99 -14.37
CA GLN B 209 2.77 37.20 -14.92
C GLN B 209 1.76 36.96 -13.81
N ASN B 210 1.72 37.82 -12.78
CA ASN B 210 0.87 37.53 -11.62
C ASN B 210 -0.36 36.71 -12.07
N SER B 211 -0.24 35.36 -11.99
CA SER B 211 -1.30 34.40 -12.30
C SER B 211 -0.86 33.03 -11.78
N TRP B 212 -1.60 32.41 -10.83
CA TRP B 212 -1.35 31.05 -10.33
C TRP B 212 -1.98 29.98 -11.27
N LYS B 213 -2.52 30.40 -12.43
CA LYS B 213 -3.27 29.46 -13.29
C LYS B 213 -2.30 28.51 -13.99
N ASN B 214 -1.00 28.84 -14.09
CA ASN B 214 -0.01 27.97 -14.71
C ASN B 214 0.04 26.64 -13.93
N PHE B 215 -0.27 26.68 -12.62
CA PHE B 215 -0.28 25.51 -11.72
C PHE B 215 -1.44 24.53 -12.01
N TYR B 216 -2.46 25.00 -12.76
CA TYR B 216 -3.63 24.18 -13.13
C TYR B 216 -3.56 23.86 -14.62
N GLY B 217 -3.01 24.80 -15.41
CA GLY B 217 -2.78 24.66 -16.85
C GLY B 217 -1.78 23.56 -17.15
N ASN B 218 -0.78 23.43 -16.27
CA ASN B 218 0.22 22.37 -16.31
C ASN B 218 0.25 21.68 -14.94
N MET B 219 -0.83 20.96 -14.63
CA MET B 219 -1.07 20.30 -13.35
C MET B 219 -0.23 19.01 -13.30
N GLY B 220 0.19 18.53 -14.47
CA GLY B 220 1.08 17.37 -14.55
C GLY B 220 2.46 17.78 -14.02
N LYS B 221 2.97 18.94 -14.44
CA LYS B 221 4.29 19.36 -13.98
C LYS B 221 4.22 19.79 -12.51
N THR B 222 3.05 20.24 -12.01
CA THR B 222 2.94 20.68 -10.62
C THR B 222 2.95 19.49 -9.67
N LEU B 223 2.28 18.41 -10.09
CA LEU B 223 2.19 17.18 -9.30
C LEU B 223 3.44 16.33 -9.52
N LEU B 224 4.09 16.41 -10.68
CA LEU B 224 5.38 15.74 -10.92
C LEU B 224 6.39 16.21 -9.87
N SER B 225 6.61 17.53 -9.79
CA SER B 225 7.56 18.14 -8.85
C SER B 225 7.19 17.82 -7.39
N LEU B 226 5.91 17.95 -7.04
CA LEU B 226 5.50 17.78 -5.65
C LEU B 226 5.56 16.31 -5.21
N ILE B 227 5.20 15.36 -6.08
CA ILE B 227 5.33 13.93 -5.75
C ILE B 227 6.80 13.61 -5.58
N SER B 228 7.66 14.11 -6.46
CA SER B 228 9.11 13.88 -6.43
C SER B 228 9.67 14.38 -5.09
N ILE B 229 9.35 15.62 -4.71
CA ILE B 229 9.90 16.25 -3.49
C ILE B 229 9.39 15.46 -2.28
N PHE B 230 8.10 15.10 -2.29
CA PHE B 230 7.43 14.41 -1.19
C PHE B 230 8.13 13.07 -0.93
N PHE B 231 8.30 12.27 -1.99
CA PHE B 231 8.90 10.95 -1.87
C PHE B 231 10.36 11.10 -1.47
N ASP B 232 11.08 12.09 -1.99
CA ASP B 232 12.48 12.31 -1.62
C ASP B 232 12.57 12.56 -0.10
N ILE B 233 11.69 13.43 0.40
CA ILE B 233 11.71 13.75 1.82
C ILE B 233 11.42 12.49 2.62
N LEU B 234 10.54 11.61 2.11
CA LEU B 234 10.18 10.33 2.75
C LEU B 234 11.40 9.38 2.79
N PHE B 235 12.13 9.31 1.66
CA PHE B 235 13.33 8.47 1.54
C PHE B 235 14.40 8.96 2.53
N MET B 236 14.65 10.29 2.49
CA MET B 236 15.50 11.00 3.48
C MET B 236 15.13 10.52 4.87
N PHE B 237 13.80 10.47 5.14
CA PHE B 237 13.23 10.08 6.43
C PHE B 237 13.37 8.55 6.64
N GLN B 238 12.78 7.75 5.74
CA GLN B 238 13.12 6.33 5.82
C GLN B 238 14.56 6.26 6.32
N HIS B 239 15.53 6.76 5.49
CA HIS B 239 16.98 6.66 5.75
C HIS B 239 17.32 7.20 7.13
N TYR B 240 17.00 8.46 7.48
CA TYR B 240 17.72 9.05 8.62
C TYR B 240 17.09 8.64 9.96
N VAL B 241 15.85 8.10 10.03
CA VAL B 241 15.52 7.40 11.30
C VAL B 241 14.83 6.02 11.16
N LEU B 242 13.52 6.01 10.81
CA LEU B 242 12.83 4.74 10.52
C LEU B 242 13.97 3.73 10.59
N TYR B 243 14.70 3.55 9.46
CA TYR B 243 15.66 2.47 9.21
C TYR B 243 17.07 3.06 9.12
N PRO B 244 17.85 3.16 10.22
CA PRO B 244 19.11 3.89 10.16
C PRO B 244 20.40 3.02 10.04
N GLU B 245 20.71 2.21 11.09
CA GLU B 245 21.98 1.47 11.33
C GLU B 245 23.17 2.45 11.25
N GLN C 1 -10.89 -25.40 2.90
CA GLN C 1 -9.60 -26.10 2.72
C GLN C 1 -8.71 -25.97 3.96
N VAL C 2 -9.02 -25.14 5.02
CA VAL C 2 -8.30 -25.25 6.32
C VAL C 2 -9.06 -26.14 7.29
N GLN C 3 -8.30 -27.03 7.96
CA GLN C 3 -8.80 -28.11 8.80
C GLN C 3 -8.09 -27.97 10.16
N LEU C 4 -8.82 -28.19 11.27
CA LEU C 4 -8.24 -28.19 12.62
C LEU C 4 -8.68 -29.48 13.34
N VAL C 5 -7.70 -30.32 13.69
CA VAL C 5 -7.96 -31.66 14.27
C VAL C 5 -7.40 -31.71 15.71
N GLU C 6 -8.30 -31.71 16.70
CA GLU C 6 -7.93 -31.85 18.12
C GLU C 6 -7.75 -33.32 18.55
N SER C 7 -6.82 -33.56 19.49
CA SER C 7 -6.52 -34.88 20.08
C SER C 7 -5.78 -34.66 21.40
N GLY C 8 -5.65 -35.74 22.23
CA GLY C 8 -4.94 -35.69 23.50
C GLY C 8 -5.88 -35.70 24.70
N GLY C 9 -7.16 -35.34 24.47
CA GLY C 9 -8.16 -35.24 25.52
C GLY C 9 -8.61 -36.61 25.97
N GLY C 10 -9.26 -36.64 27.12
CA GLY C 10 -9.82 -37.85 27.71
C GLY C 10 -10.03 -37.67 29.21
N LEU C 11 -10.00 -38.80 29.96
CA LEU C 11 -10.21 -38.77 31.40
C LEU C 11 -8.84 -38.59 32.01
N VAL C 12 -8.75 -37.69 33.00
CA VAL C 12 -7.58 -37.63 33.88
C VAL C 12 -8.07 -37.25 35.27
N GLN C 13 -7.29 -37.67 36.27
CA GLN C 13 -7.65 -37.49 37.68
C GLN C 13 -7.29 -36.04 38.03
N ALA C 14 -8.05 -35.43 38.95
CA ALA C 14 -7.79 -34.08 39.39
C ALA C 14 -6.35 -33.99 39.91
N GLY C 15 -5.67 -32.88 39.60
CA GLY C 15 -4.25 -32.66 39.90
C GLY C 15 -3.34 -33.06 38.73
N GLY C 16 -3.89 -33.84 37.79
CA GLY C 16 -3.14 -34.47 36.71
C GLY C 16 -2.92 -33.52 35.55
N SER C 17 -2.03 -33.91 34.63
CA SER C 17 -1.64 -33.08 33.49
C SER C 17 -2.00 -33.77 32.19
N LEU C 18 -2.39 -32.96 31.22
CA LEU C 18 -2.73 -33.43 29.89
C LEU C 18 -2.06 -32.49 28.91
N ARG C 19 -1.80 -33.02 27.73
CA ARG C 19 -1.18 -32.26 26.68
C ARG C 19 -2.10 -32.42 25.47
N LEU C 20 -2.91 -31.38 25.26
CA LEU C 20 -3.89 -31.30 24.19
C LEU C 20 -3.08 -30.95 22.95
N SER C 21 -3.58 -31.35 21.78
CA SER C 21 -2.87 -31.14 20.52
C SER C 21 -3.87 -30.58 19.51
N CYS C 22 -3.34 -29.89 18.49
CA CYS C 22 -4.17 -29.32 17.45
C CYS C 22 -3.38 -29.40 16.14
N ALA C 23 -3.74 -30.39 15.31
CA ALA C 23 -3.13 -30.59 13.99
C ALA C 23 -3.75 -29.59 13.01
N ALA C 24 -2.95 -28.90 12.21
CA ALA C 24 -3.45 -27.80 11.39
C ALA C 24 -3.13 -28.02 9.92
N SER C 25 -4.18 -27.99 9.08
CA SER C 25 -4.07 -28.13 7.63
C SER C 25 -4.56 -26.83 6.98
N GLY C 26 -3.96 -26.49 5.83
CA GLY C 26 -4.29 -25.32 5.03
C GLY C 26 -3.66 -24.01 5.52
N PHE C 27 -2.80 -24.00 6.54
CA PHE C 27 -2.24 -22.73 7.01
C PHE C 27 -1.09 -22.85 8.02
N PRO C 28 -0.09 -21.96 7.97
CA PRO C 28 1.06 -22.07 8.87
C PRO C 28 0.66 -21.60 10.27
N VAL C 29 1.07 -22.33 11.29
CA VAL C 29 0.75 -21.99 12.67
C VAL C 29 1.68 -20.86 13.17
N TYR C 30 2.94 -20.76 12.73
CA TYR C 30 3.85 -19.71 13.24
C TYR C 30 3.44 -18.34 12.66
N ARG C 31 2.83 -18.36 11.48
CA ARG C 31 2.43 -17.11 10.83
C ARG C 31 1.01 -16.69 11.26
N ASN C 32 0.54 -17.11 12.44
CA ASN C 32 -0.86 -16.86 12.84
C ASN C 32 -0.99 -16.80 14.36
N ARG C 33 -1.92 -15.99 14.85
CA ARG C 33 -2.23 -16.00 16.27
C ARG C 33 -3.24 -17.12 16.51
N MET C 34 -2.78 -18.18 17.18
CA MET C 34 -3.55 -19.41 17.44
C MET C 34 -4.22 -19.34 18.82
N HIS C 35 -5.50 -19.79 18.92
CA HIS C 35 -6.26 -19.75 20.17
C HIS C 35 -6.73 -21.15 20.59
N TRP C 36 -6.99 -21.31 21.89
CA TRP C 36 -7.66 -22.46 22.44
C TRP C 36 -8.89 -21.89 23.14
N TYR C 37 -10.04 -22.55 23.01
CA TYR C 37 -11.32 -22.21 23.66
C TYR C 37 -11.92 -23.45 24.34
N ARG C 38 -12.98 -23.32 25.15
CA ARG C 38 -13.57 -24.48 25.81
C ARG C 38 -15.07 -24.28 26.00
N GLN C 39 -15.86 -25.36 25.90
CA GLN C 39 -17.31 -25.33 26.13
C GLN C 39 -17.68 -26.42 27.14
N ALA C 40 -18.20 -26.04 28.32
CA ALA C 40 -18.62 -27.04 29.31
C ALA C 40 -20.12 -27.29 29.16
N PRO C 41 -20.65 -28.44 29.64
CA PRO C 41 -22.09 -28.68 29.65
C PRO C 41 -22.94 -27.53 30.24
N GLY C 42 -23.74 -26.89 29.37
CA GLY C 42 -24.67 -25.83 29.73
C GLY C 42 -23.98 -24.46 29.75
N LYS C 43 -22.65 -24.40 29.91
CA LYS C 43 -21.93 -23.12 29.93
C LYS C 43 -21.73 -22.62 28.49
N GLU C 44 -21.18 -21.40 28.33
CA GLU C 44 -20.97 -20.78 27.01
C GLU C 44 -19.48 -20.92 26.65
N ARG C 45 -19.11 -20.80 25.34
CA ARG C 45 -17.71 -20.91 24.90
C ARG C 45 -16.85 -19.93 25.67
N GLU C 46 -15.78 -20.42 26.31
CA GLU C 46 -14.89 -19.58 27.10
C GLU C 46 -13.55 -19.46 26.36
N TRP C 47 -13.02 -18.25 26.18
CA TRP C 47 -11.65 -18.07 25.68
C TRP C 47 -10.71 -18.60 26.74
N VAL C 48 -9.70 -19.39 26.36
CA VAL C 48 -8.78 -20.04 27.31
C VAL C 48 -7.34 -19.56 27.16
N ALA C 49 -6.75 -19.66 25.96
CA ALA C 49 -5.37 -19.18 25.76
C ALA C 49 -5.11 -18.80 24.30
N ALA C 50 -4.06 -18.00 24.04
CA ALA C 50 -3.71 -17.60 22.69
C ALA C 50 -2.19 -17.36 22.60
N ILE C 51 -1.61 -17.62 21.43
CA ILE C 51 -0.18 -17.32 21.22
C ILE C 51 -0.06 -16.33 20.07
N GLU C 52 0.88 -15.40 20.17
CA GLU C 52 1.10 -14.36 19.15
C GLU C 52 1.75 -14.94 17.88
N SER C 53 1.43 -14.35 16.73
CA SER C 53 1.91 -14.84 15.42
C SER C 53 3.43 -15.02 15.40
N ALA C 54 4.21 -14.06 14.88
CA ALA C 54 5.67 -14.25 14.78
C ALA C 54 6.32 -13.83 16.11
N GLY C 55 6.13 -14.66 17.14
CA GLY C 55 6.66 -14.40 18.46
C GLY C 55 6.13 -15.46 19.42
N GLN C 56 6.89 -15.65 20.52
CA GLN C 56 6.58 -16.61 21.56
C GLN C 56 5.50 -16.06 22.56
N GLU C 57 4.90 -14.85 22.34
CA GLU C 57 4.07 -14.19 23.35
C GLU C 57 2.80 -15.00 23.59
N THR C 58 2.40 -15.18 24.83
CA THR C 58 1.21 -16.00 25.13
C THR C 58 0.31 -15.31 26.13
N HIS C 59 -1.01 -15.44 25.97
CA HIS C 59 -1.97 -14.84 26.90
C HIS C 59 -2.97 -15.88 27.40
N TYR C 60 -3.36 -15.80 28.69
CA TYR C 60 -4.20 -16.85 29.30
C TYR C 60 -5.35 -16.23 30.08
N ALA C 61 -6.53 -16.89 30.11
CA ALA C 61 -7.69 -16.53 30.95
C ALA C 61 -7.28 -16.58 32.42
N ASP C 62 -7.96 -15.86 33.31
CA ASP C 62 -7.63 -15.95 34.73
C ASP C 62 -7.96 -17.33 35.33
N SER C 63 -8.89 -18.08 34.73
CA SER C 63 -9.26 -19.41 35.23
C SER C 63 -8.20 -20.49 34.92
N VAL C 64 -7.38 -20.25 33.90
CA VAL C 64 -6.38 -21.27 33.54
C VAL C 64 -4.95 -20.72 33.72
N LYS C 65 -4.81 -19.41 33.94
CA LYS C 65 -3.53 -18.70 34.02
C LYS C 65 -2.64 -19.41 35.04
N GLY C 66 -1.37 -19.62 34.69
CA GLY C 66 -0.40 -20.32 35.54
C GLY C 66 -0.37 -21.86 35.38
N ARG C 67 -1.51 -22.49 35.07
CA ARG C 67 -1.64 -23.94 35.04
C ARG C 67 -1.60 -24.41 33.58
N PHE C 68 -2.10 -23.61 32.66
CA PHE C 68 -2.18 -24.00 31.25
C PHE C 68 -1.06 -23.29 30.50
N THR C 69 -0.37 -24.00 29.60
CA THR C 69 0.73 -23.44 28.80
C THR C 69 0.49 -23.80 27.32
N ILE C 70 0.24 -22.76 26.48
CA ILE C 70 0.07 -22.93 25.02
C ILE C 70 1.41 -22.73 24.28
N SER C 71 1.83 -23.76 23.56
CA SER C 71 3.07 -23.75 22.82
C SER C 71 2.71 -24.03 21.37
N ARG C 72 3.72 -24.02 20.51
CA ARG C 72 3.49 -24.26 19.10
C ARG C 72 4.67 -25.06 18.60
N ASP C 73 4.40 -26.14 17.89
CA ASP C 73 5.45 -26.85 17.19
C ASP C 73 5.27 -26.60 15.70
N ASN C 74 6.00 -25.59 15.20
CA ASN C 74 6.08 -25.23 13.78
C ASN C 74 6.60 -26.41 12.99
N ALA C 75 7.53 -27.18 13.58
CA ALA C 75 8.18 -28.30 12.90
C ALA C 75 7.22 -29.50 12.83
N LYS C 76 5.95 -29.34 13.23
CA LYS C 76 4.91 -30.37 13.09
C LYS C 76 3.54 -29.76 12.77
N ASN C 77 3.50 -28.45 12.53
CA ASN C 77 2.31 -27.60 12.30
C ASN C 77 1.20 -27.86 13.33
N THR C 78 1.59 -27.91 14.60
CA THR C 78 0.62 -28.19 15.64
C THR C 78 0.80 -27.23 16.81
N VAL C 79 -0.32 -26.96 17.44
CA VAL C 79 -0.39 -26.10 18.61
C VAL C 79 -0.63 -27.05 19.78
N TYR C 80 -0.10 -26.71 20.95
CA TYR C 80 -0.30 -27.57 22.11
C TYR C 80 -0.91 -26.77 23.26
N LEU C 81 -1.74 -27.43 24.04
CA LEU C 81 -2.19 -26.86 25.29
C LEU C 81 -1.79 -27.83 26.38
N GLN C 82 -0.59 -27.60 26.94
CA GLN C 82 -0.06 -28.34 28.10
C GLN C 82 -0.90 -27.90 29.30
N MET C 83 -2.01 -28.60 29.55
CA MET C 83 -2.93 -28.18 30.62
C MET C 83 -2.56 -28.96 31.87
N ASN C 84 -1.90 -28.26 32.82
CA ASN C 84 -1.35 -28.81 34.07
C ASN C 84 -2.25 -28.49 35.27
N SER C 85 -1.99 -29.13 36.39
CA SER C 85 -2.69 -28.91 37.65
C SER C 85 -4.22 -28.96 37.49
N LEU C 86 -4.73 -29.76 36.56
CA LEU C 86 -6.18 -29.81 36.24
C LEU C 86 -7.08 -30.06 37.46
N LYS C 87 -8.31 -29.58 37.37
CA LYS C 87 -9.37 -29.70 38.38
C LYS C 87 -10.66 -30.10 37.68
N PRO C 88 -11.61 -30.82 38.34
CA PRO C 88 -12.83 -31.26 37.68
C PRO C 88 -13.51 -30.10 36.95
N GLU C 89 -13.42 -28.87 37.53
CA GLU C 89 -13.90 -27.60 36.95
C GLU C 89 -13.58 -27.57 35.46
N ASP C 90 -12.32 -27.96 35.10
CA ASP C 90 -11.82 -27.76 33.74
C ASP C 90 -12.53 -28.69 32.74
N THR C 91 -13.34 -29.66 33.23
CA THR C 91 -14.20 -30.50 32.37
C THR C 91 -14.89 -29.61 31.31
N ALA C 92 -14.48 -29.75 30.04
CA ALA C 92 -15.05 -29.02 28.91
C ALA C 92 -14.49 -29.56 27.60
N VAL C 93 -15.21 -29.31 26.49
CA VAL C 93 -14.71 -29.73 25.18
C VAL C 93 -13.79 -28.62 24.70
N TYR C 94 -12.49 -28.90 24.55
CA TYR C 94 -11.54 -27.88 24.15
C TYR C 94 -11.44 -27.88 22.63
N TYR C 95 -11.62 -26.68 22.05
CA TYR C 95 -11.48 -26.50 20.61
C TYR C 95 -10.28 -25.60 20.36
N CYS C 96 -9.42 -25.96 19.38
CA CYS C 96 -8.40 -25.02 18.93
C CYS C 96 -8.98 -24.15 17.82
N ASN C 97 -8.49 -22.92 17.73
CA ASN C 97 -9.16 -21.89 16.94
C ASN C 97 -8.14 -21.03 16.20
N VAL C 98 -8.49 -20.61 14.98
CA VAL C 98 -7.64 -19.70 14.22
C VAL C 98 -8.60 -18.78 13.49
N LYS C 99 -8.34 -17.48 13.64
CA LYS C 99 -9.30 -16.51 13.16
C LYS C 99 -8.71 -15.82 11.94
N ASP C 100 -9.62 -15.35 11.08
CA ASP C 100 -9.31 -14.52 9.92
C ASP C 100 -9.86 -13.16 10.31
N GLU C 101 -9.08 -12.42 11.10
CA GLU C 101 -9.53 -11.17 11.71
C GLU C 101 -9.71 -10.12 10.62
N GLY C 102 -10.79 -9.32 10.75
CA GLY C 102 -11.19 -8.35 9.74
C GLY C 102 -10.92 -6.97 10.31
N TRP C 103 -10.97 -5.98 9.44
CA TRP C 103 -10.74 -4.59 9.83
C TRP C 103 -12.06 -4.05 10.35
N TYR C 104 -13.06 -4.07 9.43
CA TYR C 104 -14.41 -3.61 9.73
C TYR C 104 -15.26 -4.86 9.83
N TRP C 105 -15.64 -5.61 8.78
CA TRP C 105 -16.62 -6.70 8.90
C TRP C 105 -16.25 -7.76 9.97
N GLN C 106 -17.17 -8.74 10.15
CA GLN C 106 -17.08 -9.79 11.19
C GLN C 106 -15.79 -10.59 11.01
N THR C 107 -15.20 -11.12 12.09
CA THR C 107 -13.99 -11.93 11.99
C THR C 107 -14.39 -13.39 11.80
N TYR C 108 -13.72 -14.12 10.91
CA TYR C 108 -14.12 -15.49 10.61
C TYR C 108 -13.35 -16.46 11.51
N ASP C 109 -14.10 -17.14 12.40
CA ASP C 109 -13.49 -18.11 13.30
C ASP C 109 -13.49 -19.51 12.65
N TYR C 110 -12.31 -20.10 12.54
CA TYR C 110 -12.17 -21.49 12.12
C TYR C 110 -12.01 -22.34 13.38
N TRP C 111 -13.05 -23.14 13.71
CA TRP C 111 -13.09 -24.07 14.84
C TRP C 111 -12.49 -25.45 14.51
N GLY C 112 -12.31 -26.33 15.50
CA GLY C 112 -11.98 -27.73 15.25
C GLY C 112 -13.22 -28.58 15.48
N GLN C 113 -13.04 -29.88 15.76
CA GLN C 113 -14.17 -30.80 16.01
C GLN C 113 -14.45 -30.89 17.52
N GLY C 114 -13.39 -31.02 18.31
CA GLY C 114 -13.45 -31.02 19.78
C GLY C 114 -12.88 -32.31 20.35
N THR C 115 -12.37 -32.22 21.58
CA THR C 115 -11.87 -33.35 22.36
C THR C 115 -12.22 -33.08 23.81
N GLN C 116 -13.16 -33.90 24.32
CA GLN C 116 -13.58 -33.93 25.71
C GLN C 116 -12.36 -34.20 26.61
N VAL C 117 -12.19 -33.36 27.64
CA VAL C 117 -11.23 -33.49 28.72
C VAL C 117 -12.05 -33.59 30.01
N THR C 118 -12.31 -34.79 30.49
CA THR C 118 -13.14 -34.93 31.69
C THR C 118 -12.21 -35.21 32.88
N VAL C 119 -12.18 -34.25 33.84
CA VAL C 119 -11.35 -34.37 35.05
C VAL C 119 -12.20 -34.98 36.16
N SER C 120 -11.73 -36.09 36.74
CA SER C 120 -12.50 -36.85 37.74
C SER C 120 -11.81 -36.68 39.11
N ALA C 121 -12.53 -36.11 40.08
CA ALA C 121 -12.05 -35.87 41.43
C ALA C 121 -11.86 -37.18 42.25
N GLN D 1 26.96 -7.26 6.91
CA GLN D 1 25.74 -7.79 7.61
C GLN D 1 25.26 -9.09 6.91
N VAL D 2 25.31 -9.20 5.57
CA VAL D 2 25.30 -10.51 4.86
C VAL D 2 26.73 -10.84 4.38
N GLN D 3 27.03 -12.11 4.33
CA GLN D 3 28.35 -12.58 3.97
C GLN D 3 28.17 -13.75 2.97
N LEU D 4 29.03 -13.81 1.95
CA LEU D 4 28.99 -14.89 0.96
C LEU D 4 30.41 -15.46 0.83
N VAL D 5 30.57 -16.74 1.22
CA VAL D 5 31.90 -17.38 1.35
C VAL D 5 31.99 -18.52 0.34
N GLU D 6 32.82 -18.32 -0.72
CA GLU D 6 33.04 -19.32 -1.77
C GLU D 6 34.14 -20.32 -1.37
N SER D 7 33.98 -21.59 -1.78
CA SER D 7 34.96 -22.67 -1.59
C SER D 7 34.74 -23.72 -2.68
N GLY D 8 35.70 -24.65 -2.85
CA GLY D 8 35.60 -25.73 -3.84
C GLY D 8 36.54 -25.53 -5.03
N GLY D 9 37.02 -24.29 -5.22
CA GLY D 9 37.85 -23.97 -6.38
C GLY D 9 39.28 -24.45 -6.16
N GLY D 10 40.03 -24.55 -7.27
CA GLY D 10 41.39 -25.09 -7.33
C GLY D 10 41.82 -25.50 -8.75
N LEU D 11 42.85 -26.35 -8.87
CA LEU D 11 43.42 -26.74 -10.17
C LEU D 11 43.01 -28.14 -10.59
N VAL D 12 42.26 -28.21 -11.69
CA VAL D 12 41.77 -29.46 -12.28
C VAL D 12 42.13 -29.47 -13.76
N GLN D 13 42.26 -30.66 -14.33
CA GLN D 13 42.69 -30.84 -15.72
C GLN D 13 41.44 -30.63 -16.59
N ALA D 14 41.68 -30.15 -17.83
CA ALA D 14 40.64 -29.99 -18.84
C ALA D 14 39.79 -31.27 -18.94
N GLY D 15 38.45 -31.11 -18.97
CA GLY D 15 37.50 -32.22 -19.03
C GLY D 15 37.00 -32.63 -17.63
N GLY D 16 37.65 -32.10 -16.58
CA GLY D 16 37.37 -32.50 -15.20
C GLY D 16 36.11 -31.83 -14.66
N SER D 17 35.61 -32.28 -13.52
CA SER D 17 34.45 -31.64 -12.86
C SER D 17 34.83 -31.13 -11.49
N LEU D 18 34.20 -30.03 -11.13
CA LEU D 18 34.39 -29.41 -9.82
C LEU D 18 33.01 -29.05 -9.29
N ARG D 19 32.95 -28.94 -7.98
CA ARG D 19 31.71 -28.61 -7.31
C ARG D 19 32.06 -27.44 -6.40
N LEU D 20 31.71 -26.25 -6.90
CA LEU D 20 31.90 -24.97 -6.24
C LEU D 20 30.83 -24.87 -5.17
N SER D 21 31.10 -24.16 -4.08
CA SER D 21 30.12 -24.02 -3.00
C SER D 21 30.02 -22.53 -2.62
N CYS D 22 28.92 -22.16 -1.97
CA CYS D 22 28.72 -20.79 -1.55
C CYS D 22 27.97 -20.77 -0.22
N ALA D 23 28.70 -20.55 0.88
CA ALA D 23 28.14 -20.48 2.24
C ALA D 23 27.49 -19.13 2.43
N ALA D 24 26.27 -19.05 2.99
CA ALA D 24 25.55 -17.79 3.03
C ALA D 24 25.15 -17.38 4.46
N SER D 25 25.55 -16.17 4.86
CA SER D 25 25.27 -15.59 6.18
C SER D 25 24.42 -14.34 5.97
N GLY D 26 23.47 -14.09 6.91
CA GLY D 26 22.63 -12.92 6.96
C GLY D 26 21.36 -13.09 6.13
N PHE D 27 21.11 -14.21 5.46
CA PHE D 27 19.93 -14.26 4.59
C PHE D 27 19.59 -15.67 4.11
N PRO D 28 18.30 -15.99 3.95
CA PRO D 28 17.92 -17.33 3.55
C PRO D 28 18.19 -17.49 2.05
N VAL D 29 18.74 -18.64 1.66
CA VAL D 29 19.05 -18.88 0.25
C VAL D 29 17.80 -19.29 -0.54
N TYR D 30 16.86 -19.99 0.12
CA TYR D 30 15.68 -20.51 -0.59
C TYR D 30 14.71 -19.36 -0.88
N ARG D 31 14.82 -18.33 -0.05
CA ARG D 31 13.92 -17.19 -0.16
C ARG D 31 14.48 -16.13 -1.12
N ASN D 32 15.39 -16.49 -2.01
CA ASN D 32 16.11 -15.50 -2.83
C ASN D 32 16.56 -16.10 -4.17
N ARG D 33 16.63 -15.26 -5.20
CA ARG D 33 17.21 -15.69 -6.47
C ARG D 33 18.73 -15.53 -6.33
N MET D 34 19.43 -16.66 -6.31
CA MET D 34 20.88 -16.72 -6.15
C MET D 34 21.58 -16.83 -7.52
N HIS D 35 22.72 -16.14 -7.68
CA HIS D 35 23.50 -16.12 -8.93
C HIS D 35 24.94 -16.63 -8.72
N TRP D 36 25.54 -17.10 -9.81
CA TRP D 36 26.97 -17.35 -9.89
C TRP D 36 27.49 -16.44 -11.01
N TYR D 37 28.64 -15.82 -10.81
CA TYR D 37 29.33 -14.98 -11.80
C TYR D 37 30.79 -15.41 -11.96
N ARG D 38 31.57 -14.89 -12.93
CA ARG D 38 32.98 -15.25 -13.05
C ARG D 38 33.77 -14.06 -13.62
N GLN D 39 35.04 -13.92 -13.23
CA GLN D 39 35.93 -12.88 -13.74
C GLN D 39 37.24 -13.51 -14.13
N ALA D 40 37.60 -13.48 -15.41
CA ALA D 40 38.85 -14.03 -15.92
C ALA D 40 39.87 -12.92 -16.05
N PRO D 41 41.19 -13.24 -16.11
CA PRO D 41 42.25 -12.25 -16.20
C PRO D 41 42.08 -11.25 -17.35
N GLY D 42 41.85 -9.97 -17.00
CA GLY D 42 41.70 -8.89 -17.97
C GLY D 42 40.25 -8.74 -18.39
N LYS D 43 39.50 -9.86 -18.53
CA LYS D 43 38.11 -9.86 -19.03
C LYS D 43 37.17 -9.19 -18.01
N GLU D 44 35.87 -9.04 -18.35
CA GLU D 44 34.89 -8.42 -17.45
C GLU D 44 34.04 -9.50 -16.76
N ARG D 45 33.34 -9.12 -15.66
CA ARG D 45 32.48 -10.05 -14.93
C ARG D 45 31.42 -10.60 -15.87
N GLU D 46 31.37 -11.94 -15.94
CA GLU D 46 30.41 -12.63 -16.80
C GLU D 46 29.33 -13.28 -15.93
N TRP D 47 28.05 -13.04 -16.21
CA TRP D 47 26.96 -13.76 -15.54
C TRP D 47 27.05 -15.20 -16.01
N VAL D 48 26.93 -16.16 -15.09
CA VAL D 48 27.13 -17.58 -15.39
C VAL D 48 25.85 -18.39 -15.16
N ALA D 49 25.25 -18.36 -13.96
CA ALA D 49 23.99 -19.08 -13.74
C ALA D 49 23.18 -18.48 -12.63
N ALA D 50 21.90 -18.85 -12.52
CA ALA D 50 21.02 -18.28 -11.51
C ALA D 50 19.90 -19.26 -11.21
N ILE D 51 19.43 -19.26 -9.95
CA ILE D 51 18.34 -20.13 -9.56
C ILE D 51 17.18 -19.26 -9.04
N GLU D 52 15.95 -19.67 -9.32
CA GLU D 52 14.74 -18.96 -8.90
C GLU D 52 14.49 -19.09 -7.39
N SER D 53 13.88 -18.06 -6.78
CA SER D 53 13.67 -18.01 -5.32
C SER D 53 12.97 -19.27 -4.79
N ALA D 54 11.63 -19.30 -4.60
CA ALA D 54 10.96 -20.52 -4.11
C ALA D 54 10.68 -21.47 -5.27
N GLY D 55 11.74 -22.10 -5.77
CA GLY D 55 11.65 -23.16 -6.77
C GLY D 55 13.05 -23.56 -7.23
N GLN D 56 13.11 -24.68 -7.92
CA GLN D 56 14.37 -25.16 -8.47
C GLN D 56 14.59 -24.65 -9.92
N GLU D 57 13.89 -23.58 -10.39
CA GLU D 57 14.06 -23.15 -11.79
C GLU D 57 15.46 -22.55 -11.98
N THR D 58 16.12 -22.86 -13.08
CA THR D 58 17.53 -22.48 -13.24
C THR D 58 17.78 -21.92 -14.63
N HIS D 59 18.67 -20.91 -14.74
CA HIS D 59 19.02 -20.28 -16.01
C HIS D 59 20.54 -20.18 -16.16
N TYR D 60 21.08 -20.40 -17.36
CA TYR D 60 22.52 -20.51 -17.55
C TYR D 60 22.95 -19.67 -18.76
N ALA D 61 24.19 -19.12 -18.72
CA ALA D 61 24.83 -18.45 -19.86
C ALA D 61 25.02 -19.43 -21.02
N ASP D 62 25.13 -18.94 -22.24
CA ASP D 62 25.28 -19.87 -23.38
C ASP D 62 26.66 -20.56 -23.33
N SER D 63 27.66 -19.94 -22.67
CA SER D 63 29.01 -20.51 -22.57
C SER D 63 29.09 -21.68 -21.56
N VAL D 64 28.18 -21.73 -20.59
CA VAL D 64 28.26 -22.79 -19.58
C VAL D 64 27.03 -23.71 -19.67
N LYS D 65 26.02 -23.31 -20.44
CA LYS D 65 24.73 -24.02 -20.56
C LYS D 65 24.98 -25.50 -20.85
N GLY D 66 24.32 -26.41 -20.10
CA GLY D 66 24.47 -27.87 -20.26
C GLY D 66 25.68 -28.52 -19.56
N ARG D 67 26.74 -27.75 -19.21
CA ARG D 67 27.92 -28.28 -18.52
C ARG D 67 27.86 -27.89 -17.03
N PHE D 68 27.29 -26.74 -16.74
CA PHE D 68 27.28 -26.23 -15.37
C PHE D 68 25.87 -26.41 -14.81
N THR D 69 25.77 -26.84 -13.56
CA THR D 69 24.48 -27.06 -12.90
C THR D 69 24.48 -26.38 -11.50
N ILE D 70 23.61 -25.34 -11.35
CA ILE D 70 23.47 -24.61 -10.07
C ILE D 70 22.34 -25.20 -9.22
N SER D 71 22.67 -25.64 -8.02
CA SER D 71 21.69 -26.24 -7.12
C SER D 71 21.73 -25.42 -5.83
N ARG D 72 20.82 -25.73 -4.91
CA ARG D 72 20.75 -24.99 -3.65
C ARG D 72 20.36 -25.95 -2.53
N ASP D 73 21.22 -25.99 -1.51
CA ASP D 73 20.87 -26.73 -0.32
C ASP D 73 20.39 -25.77 0.77
N ASN D 74 19.05 -25.64 0.85
CA ASN D 74 18.35 -24.91 1.90
C ASN D 74 18.78 -25.43 3.26
N ALA D 75 18.91 -26.76 3.34
CA ALA D 75 19.15 -27.45 4.60
C ALA D 75 20.63 -27.31 5.01
N LYS D 76 21.39 -26.48 4.32
CA LYS D 76 22.77 -26.12 4.68
C LYS D 76 23.09 -24.64 4.41
N ASN D 77 22.06 -23.87 3.99
CA ASN D 77 22.14 -22.46 3.52
C ASN D 77 23.27 -22.25 2.51
N THR D 78 23.40 -23.16 1.53
CA THR D 78 24.48 -23.05 0.56
C THR D 78 23.97 -23.28 -0.85
N VAL D 79 24.63 -22.58 -1.78
CA VAL D 79 24.35 -22.74 -3.21
C VAL D 79 25.52 -23.54 -3.78
N TYR D 80 25.30 -24.34 -4.83
CA TYR D 80 26.40 -25.10 -5.42
C TYR D 80 26.47 -24.82 -6.92
N LEU D 81 27.67 -24.84 -7.46
CA LEU D 81 27.84 -24.80 -8.91
C LEU D 81 28.64 -26.02 -9.28
N GLN D 82 27.92 -27.10 -9.60
CA GLN D 82 28.48 -28.35 -10.11
C GLN D 82 28.96 -28.03 -11.52
N MET D 83 30.22 -27.64 -11.66
CA MET D 83 30.73 -27.22 -12.97
C MET D 83 31.41 -28.44 -13.59
N ASN D 84 30.74 -29.06 -14.59
CA ASN D 84 31.17 -30.27 -15.30
C ASN D 84 31.82 -29.97 -16.65
N SER D 85 32.52 -30.97 -17.23
CA SER D 85 33.10 -30.88 -18.58
C SER D 85 33.98 -29.63 -18.74
N LEU D 86 34.62 -29.16 -17.67
CA LEU D 86 35.43 -27.93 -17.67
C LEU D 86 36.48 -27.87 -18.78
N LYS D 87 36.80 -26.65 -19.23
CA LYS D 87 37.80 -26.35 -20.26
C LYS D 87 38.70 -25.23 -19.75
N PRO D 88 39.98 -25.12 -20.18
CA PRO D 88 40.85 -24.06 -19.70
C PRO D 88 40.17 -22.69 -19.73
N GLU D 89 39.34 -22.45 -20.78
CA GLU D 89 38.55 -21.23 -20.96
C GLU D 89 37.93 -20.85 -19.64
N ASP D 90 37.35 -21.83 -18.92
CA ASP D 90 36.55 -21.52 -17.72
C ASP D 90 37.43 -20.98 -16.58
N THR D 91 38.77 -21.05 -16.70
CA THR D 91 39.72 -20.45 -15.72
C THR D 91 39.25 -19.02 -15.42
N ALA D 92 38.75 -18.80 -14.19
CA ALA D 92 38.21 -17.51 -13.75
C ALA D 92 37.89 -17.60 -12.27
N VAL D 93 37.80 -16.45 -11.63
CA VAL D 93 37.44 -16.41 -10.22
C VAL D 93 35.91 -16.44 -10.17
N TYR D 94 35.32 -17.49 -9.61
CA TYR D 94 33.86 -17.60 -9.57
C TYR D 94 33.39 -16.97 -8.26
N TYR D 95 32.44 -16.03 -8.41
CA TYR D 95 31.82 -15.38 -7.25
C TYR D 95 30.35 -15.81 -7.22
N CYS D 96 29.84 -16.17 -6.05
CA CYS D 96 28.39 -16.31 -5.88
C CYS D 96 27.80 -14.96 -5.47
N ASN D 97 26.57 -14.73 -5.89
CA ASN D 97 26.01 -13.40 -5.84
C ASN D 97 24.55 -13.43 -5.39
N VAL D 98 24.11 -12.38 -4.71
CA VAL D 98 22.70 -12.24 -4.36
C VAL D 98 22.44 -10.75 -4.42
N LYS D 99 21.38 -10.37 -5.14
CA LYS D 99 21.04 -8.98 -5.38
C LYS D 99 19.86 -8.60 -4.51
N ASP D 100 19.80 -7.31 -4.17
CA ASP D 100 18.63 -6.65 -3.57
C ASP D 100 18.10 -5.73 -4.66
N GLU D 101 17.27 -6.28 -5.54
CA GLU D 101 16.82 -5.56 -6.73
C GLU D 101 15.90 -4.43 -6.33
N GLY D 102 16.02 -3.31 -7.05
CA GLY D 102 15.30 -2.10 -6.70
C GLY D 102 14.29 -1.83 -7.80
N TRP D 103 13.25 -1.07 -7.49
CA TRP D 103 12.24 -0.65 -8.45
C TRP D 103 12.84 0.45 -9.32
N TYR D 104 13.24 1.55 -8.68
CA TYR D 104 14.00 2.57 -9.41
C TYR D 104 15.48 2.51 -9.00
N TRP D 105 16.02 3.11 -7.92
CA TRP D 105 17.47 3.21 -7.69
C TRP D 105 18.30 1.95 -8.00
N GLN D 106 19.61 2.04 -7.67
CA GLN D 106 20.62 1.03 -7.98
C GLN D 106 20.20 -0.30 -7.36
N THR D 107 20.46 -1.44 -8.03
CA THR D 107 20.26 -2.75 -7.40
C THR D 107 21.56 -3.09 -6.67
N TYR D 108 21.43 -3.61 -5.44
CA TYR D 108 22.59 -3.77 -4.59
C TYR D 108 23.07 -5.21 -4.77
N ASP D 109 24.27 -5.33 -5.34
CA ASP D 109 24.92 -6.60 -5.53
C ASP D 109 25.73 -6.97 -4.29
N TYR D 110 25.42 -8.09 -3.67
CA TYR D 110 26.22 -8.66 -2.58
C TYR D 110 27.12 -9.74 -3.19
N TRP D 111 28.42 -9.45 -3.29
CA TRP D 111 29.43 -10.37 -3.86
C TRP D 111 30.04 -11.29 -2.79
N GLY D 112 30.82 -12.28 -3.21
CA GLY D 112 31.64 -13.04 -2.27
C GLY D 112 33.07 -12.58 -2.38
N GLN D 113 34.02 -13.42 -1.94
CA GLN D 113 35.44 -13.06 -1.93
C GLN D 113 36.09 -13.56 -3.23
N GLY D 114 35.76 -14.84 -3.58
CA GLY D 114 36.19 -15.47 -4.82
C GLY D 114 37.00 -16.73 -4.52
N THR D 115 36.99 -17.64 -5.49
CA THR D 115 37.72 -18.91 -5.44
C THR D 115 38.14 -19.24 -6.86
N GLN D 116 39.46 -19.16 -7.07
CA GLN D 116 40.07 -19.42 -8.36
C GLN D 116 39.81 -20.89 -8.74
N VAL D 117 39.34 -21.10 -9.98
CA VAL D 117 39.16 -22.41 -10.62
C VAL D 117 40.07 -22.44 -11.83
N THR D 118 41.24 -23.05 -11.72
CA THR D 118 42.24 -23.02 -12.79
C THR D 118 42.17 -24.37 -13.52
N VAL D 119 41.68 -24.37 -14.78
CA VAL D 119 41.62 -25.56 -15.62
C VAL D 119 42.90 -25.59 -16.49
N SER D 120 43.67 -26.68 -16.36
CA SER D 120 44.98 -26.80 -17.00
C SER D 120 44.90 -27.77 -18.16
N ALA D 121 45.18 -27.18 -19.35
CA ALA D 121 45.37 -27.82 -20.65
C ALA D 121 46.60 -28.76 -20.61
#